data_5TDZ
#
_entry.id   5TDZ
#
_cell.length_a   55.672
_cell.length_b   84.291
_cell.length_c   195.594
_cell.angle_alpha   90.00
_cell.angle_beta   90.00
_cell.angle_gamma   90.00
#
_symmetry.space_group_name_H-M   'P 21 21 21'
#
loop_
_entity.id
_entity.type
_entity.pdbx_description
1 polymer 'ATP-citrate synthase'
2 polymer 'ATP-citrate synthase'
3 non-polymer 'L(+)-TARTARIC ACID'
4 non-polymer "ADENOSINE-5'-DIPHOSPHATE"
5 non-polymer 'MAGNESIUM ION'
6 non-polymer 'PHOSPHATE ION'
7 non-polymer ADENOSINE
8 non-polymer GLYCEROL
9 non-polymer 'TRIETHYLENE GLYCOL'
10 non-polymer 2-AMINO-2-HYDROXYMETHYL-PROPANE-1,3-DIOL
11 water water
#
loop_
_entity_poly.entity_id
_entity_poly.type
_entity_poly.pdbx_seq_one_letter_code
_entity_poly.pdbx_strand_id
1 'polypeptide(L)'
;MSAKAISEQTGKELLYKFICTTSAIQNRFKYARVTPDTDWARLLQDHPWLLSQNLVVKPDQLIKRRGKLGLVGVNLTLDG
VKSWLKPRLGQEATVGKATGFLKNFLIEPFVPHSQAEEFYVCIYATREGDYVLFHHEGGVDVGDVDAKAQKLLVGVDEKL
NPEDIKKHLLVHAPEDKKEILASFISGLFNFYEDLYFTYLEINPLVVTKDGVYVLDLAAKVDATADYICKVKWGDIEFPP
PFGREAYPEEAYIADLDAKSGASLKLTLLNPKGRIWTMVAGGGASVVYSDTICDLGGVNELANYGEYSGAPSEQQTYDYA
KTILSLMTREKHPDGKILIIGGSIANFTNVAATFKGIVRAIRDYQGPLKEHEVTIFVRRGGPNYQEGLRVMGEVGKTTGI
PIHVFGTETHMTAIVGMALGHRPIPENLYFQ
;
A
2 'polypeptide(L)'
;SKSTTLFSRHTKAIVWGMQTRAVQGMLDFDYVCSRDEPSVAAMVYPFTGDHKQKFYWGHKEILIPVFKNMADAMRKHPEV
DVLINFASLRSAYDSTMETMNYAQIRTIAIIAEGIPEALTRKLIKKADQKGVTIIGPATVGGIKPGCFKIGNTGGMLDNI
LASKLYRPGSVAYVSRSGGMSNELNNIISRTTDGVYEGVAIGGDRYPGSTFMDHVLRYQDTPGVKMIVVLGEIGGTEEYK
ICRGIKEGRLTKPIVCWCIGTCATMFSSEVQFG(NEP)AGACANQASETAVAKNQALKEAGVFVPRSFDELGEIIQSVYE
DLVANGVI
;
B
#
loop_
_chem_comp.id
_chem_comp.type
_chem_comp.name
_chem_comp.formula
ADN non-polymer ADENOSINE 'C10 H13 N5 O4'
ADP non-polymer ADENOSINE-5'-DIPHOSPHATE 'C10 H15 N5 O10 P2'
GOL non-polymer GLYCEROL 'C3 H8 O3'
MG non-polymer 'MAGNESIUM ION' 'Mg 2'
PGE non-polymer 'TRIETHYLENE GLYCOL' 'C6 H14 O4'
PO4 non-polymer 'PHOSPHATE ION' 'O4 P -3'
TLA non-polymer 'L(+)-TARTARIC ACID' 'C4 H6 O6'
TRS non-polymer 2-AMINO-2-HYDROXYMETHYL-PROPANE-1,3-DIOL 'C4 H12 N O3 1'
#
# COMPACT_ATOMS: atom_id res chain seq x y z
N SER A 2 -3.23 4.34 -3.48
CA SER A 2 -3.94 4.33 -2.21
C SER A 2 -5.06 5.36 -2.19
N ALA A 3 -5.99 5.19 -1.27
CA ALA A 3 -7.08 6.12 -1.13
C ALA A 3 -6.58 7.34 -0.39
N LYS A 4 -6.88 8.50 -0.91
CA LYS A 4 -6.38 9.75 -0.35
C LYS A 4 -7.52 10.71 -0.07
N ALA A 5 -7.45 11.35 1.08
CA ALA A 5 -8.42 12.37 1.45
C ALA A 5 -8.28 13.60 0.57
N ILE A 6 -9.41 14.25 0.31
CA ILE A 6 -9.42 15.51 -0.39
C ILE A 6 -10.07 16.52 0.57
N SER A 7 -9.79 17.80 0.37
CA SER A 7 -10.38 18.83 1.21
C SER A 7 -11.89 18.89 0.99
N GLU A 8 -12.58 19.47 1.98
CA GLU A 8 -14.01 19.72 1.84
C GLU A 8 -14.28 20.57 0.61
N GLN A 9 -13.43 21.57 0.37
CA GLN A 9 -13.62 22.46 -0.76
C GLN A 9 -13.49 21.70 -2.07
N THR A 10 -12.43 20.90 -2.21
CA THR A 10 -12.28 20.07 -3.42
C THR A 10 -13.49 19.18 -3.66
N GLY A 11 -13.95 18.49 -2.63
CA GLY A 11 -15.06 17.58 -2.79
C GLY A 11 -16.35 18.29 -3.14
N LYS A 12 -16.60 19.45 -2.53
CA LYS A 12 -17.82 20.17 -2.89
C LYS A 12 -17.73 20.72 -4.30
N GLU A 13 -16.55 21.20 -4.70
CA GLU A 13 -16.38 21.68 -6.07
C GLU A 13 -16.71 20.58 -7.07
N LEU A 14 -16.15 19.39 -6.87
CA LEU A 14 -16.47 18.26 -7.74
C LEU A 14 -17.94 17.93 -7.68
N LEU A 15 -18.51 17.90 -6.48
CA LEU A 15 -19.91 17.53 -6.39
C LEU A 15 -20.81 18.54 -7.08
N TYR A 16 -20.55 19.85 -6.88
CA TYR A 16 -21.39 20.87 -7.51
C TYR A 16 -21.24 20.81 -9.03
N LYS A 17 -20.04 20.56 -9.52
CA LYS A 17 -19.81 20.45 -10.95
C LYS A 17 -20.47 19.21 -11.55
N PHE A 18 -20.35 18.05 -10.89
CA PHE A 18 -20.61 16.80 -11.59
C PHE A 18 -21.81 16.00 -11.13
N ILE A 19 -22.43 16.32 -9.98
CA ILE A 19 -23.58 15.51 -9.56
C ILE A 19 -24.75 15.74 -10.51
N CYS A 20 -25.51 14.68 -10.77
CA CYS A 20 -26.71 14.74 -11.61
C CYS A 20 -27.91 14.33 -10.77
N THR A 21 -28.74 15.30 -10.42
CA THR A 21 -29.91 15.04 -9.60
C THR A 21 -31.00 16.01 -10.00
N THR A 22 -32.25 15.55 -9.88
CA THR A 22 -33.43 16.40 -10.00
C THR A 22 -33.55 17.36 -8.85
N SER A 23 -32.94 17.05 -7.71
CA SER A 23 -33.06 17.85 -6.50
C SER A 23 -32.41 19.22 -6.68
N ALA A 24 -33.03 20.25 -6.12
CA ALA A 24 -32.52 21.61 -6.25
C ALA A 24 -31.45 21.80 -5.17
N ILE A 25 -30.18 21.73 -5.58
CA ILE A 25 -29.06 21.94 -4.67
C ILE A 25 -28.79 23.44 -4.62
N GLN A 26 -28.78 23.98 -3.42
CA GLN A 26 -28.63 25.39 -3.14
C GLN A 26 -27.18 25.71 -2.81
N ASN A 27 -26.86 26.99 -2.95
CA ASN A 27 -25.56 27.55 -2.55
C ASN A 27 -24.42 26.94 -3.37
N ARG A 28 -24.70 26.55 -4.59
CA ARG A 28 -23.66 25.94 -5.40
C ARG A 28 -22.48 26.89 -5.59
N PHE A 29 -21.29 26.41 -5.26
CA PHE A 29 -20.03 27.13 -5.40
C PHE A 29 -19.92 28.31 -4.45
N LYS A 30 -20.86 28.47 -3.51
CA LYS A 30 -20.77 29.57 -2.54
C LYS A 30 -19.87 29.20 -1.38
N TYR A 31 -18.56 29.30 -1.62
CA TYR A 31 -17.57 29.13 -0.56
C TYR A 31 -16.37 30.04 -0.84
N ALA A 32 -15.70 30.42 0.23
CA ALA A 32 -14.54 31.30 0.10
C ALA A 32 -13.46 30.76 1.00
N ARG A 33 -12.26 30.69 0.47
CA ARG A 33 -11.12 30.13 1.18
C ARG A 33 -10.28 31.24 1.76
N VAL A 34 -9.89 31.12 3.04
CA VAL A 34 -9.13 32.13 3.76
C VAL A 34 -7.88 31.47 4.34
N THR A 35 -6.76 32.18 4.27
CA THR A 35 -5.47 31.78 4.82
C THR A 35 -4.82 32.99 5.49
N PRO A 36 -3.70 32.83 6.20
CA PRO A 36 -3.04 33.99 6.82
C PRO A 36 -2.57 35.02 5.80
N ASP A 37 -2.54 34.68 4.53
CA ASP A 37 -2.09 35.57 3.48
C ASP A 37 -3.23 36.17 2.65
N THR A 38 -4.48 35.89 3.00
CA THR A 38 -5.62 36.37 2.23
C THR A 38 -5.71 37.89 2.19
N ASP A 39 -5.97 38.41 0.98
CA ASP A 39 -6.28 39.80 0.71
C ASP A 39 -7.80 39.95 0.88
N TRP A 40 -8.24 40.46 2.04
CA TRP A 40 -9.66 40.47 2.33
C TRP A 40 -10.43 41.39 1.41
N ALA A 41 -9.85 42.52 0.97
CA ALA A 41 -10.54 43.32 -0.05
C ALA A 41 -10.72 42.50 -1.31
N ARG A 42 -9.69 41.81 -1.75
CA ARG A 42 -9.82 41.02 -2.97
C ARG A 42 -10.81 39.89 -2.77
N LEU A 43 -10.78 39.25 -1.60
CA LEU A 43 -11.76 38.21 -1.33
C LEU A 43 -13.18 38.75 -1.51
N LEU A 44 -13.46 39.94 -0.96
CA LEU A 44 -14.81 40.47 -1.04
CA LEU A 44 -14.81 40.47 -1.04
C LEU A 44 -15.16 40.92 -2.45
N GLN A 45 -14.17 41.33 -3.25
CA GLN A 45 -14.40 41.56 -4.68
C GLN A 45 -14.91 40.30 -5.36
N ASP A 46 -14.28 39.16 -5.06
CA ASP A 46 -14.62 37.92 -5.75
C ASP A 46 -15.86 37.25 -5.16
N HIS A 47 -16.16 37.51 -3.90
CA HIS A 47 -17.27 36.83 -3.21
C HIS A 47 -18.15 37.87 -2.54
N PRO A 48 -18.85 38.69 -3.31
CA PRO A 48 -19.71 39.71 -2.69
C PRO A 48 -20.81 39.12 -1.84
N TRP A 49 -21.16 37.85 -2.05
CA TRP A 49 -22.22 37.22 -1.26
C TRP A 49 -21.84 37.09 0.20
N LEU A 50 -20.57 37.27 0.54
CA LEU A 50 -20.17 37.26 1.94
C LEU A 50 -20.88 38.33 2.75
N LEU A 51 -21.41 39.37 2.10
CA LEU A 51 -22.16 40.38 2.84
C LEU A 51 -23.67 40.16 2.86
N SER A 52 -24.18 39.22 2.07
CA SER A 52 -25.61 39.08 1.79
C SER A 52 -26.38 38.37 2.88
N GLN A 53 -25.70 37.62 3.74
CA GLN A 53 -26.38 36.87 4.78
C GLN A 53 -25.29 36.43 5.71
N ASN A 54 -25.69 35.93 6.86
CA ASN A 54 -24.71 35.47 7.80
C ASN A 54 -24.01 34.20 7.30
N LEU A 55 -23.01 33.80 8.07
CA LEU A 55 -21.94 32.94 7.56
C LEU A 55 -21.61 31.85 8.56
N VAL A 56 -20.85 30.87 8.05
CA VAL A 56 -20.22 29.84 8.86
C VAL A 56 -18.78 29.74 8.41
N VAL A 57 -17.87 29.51 9.34
CA VAL A 57 -16.43 29.47 9.04
C VAL A 57 -15.83 28.30 9.81
N LYS A 58 -14.92 27.58 9.17
CA LYS A 58 -14.32 26.41 9.79
C LYS A 58 -13.03 26.06 9.04
N PRO A 59 -12.06 25.48 9.72
CA PRO A 59 -10.86 25.05 9.01
C PRO A 59 -11.19 23.92 8.05
N ASP A 60 -10.43 23.86 6.96
CA ASP A 60 -10.57 22.81 5.95
C ASP A 60 -9.18 22.24 5.76
N GLN A 61 -8.78 21.39 6.71
CA GLN A 61 -7.44 20.83 6.84
C GLN A 61 -7.51 19.38 7.31
N LEU A 62 -8.59 18.69 6.99
CA LEU A 62 -8.80 17.28 7.35
C LEU A 62 -8.88 17.10 8.86
N ILE A 63 -9.46 18.07 9.56
CA ILE A 63 -9.72 17.98 10.99
C ILE A 63 -11.13 17.46 11.16
N LYS A 64 -11.28 16.37 11.92
CA LYS A 64 -12.61 15.81 12.17
C LYS A 64 -13.23 16.44 13.42
N ARG A 65 -14.55 16.45 13.47
CA ARG A 65 -15.28 16.87 14.67
C ARG A 65 -14.90 18.32 15.02
N ARG A 66 -14.95 19.18 14.00
CA ARG A 66 -14.61 20.58 14.22
C ARG A 66 -15.59 21.24 15.18
N GLY A 67 -16.88 20.86 15.12
CA GLY A 67 -17.85 21.45 16.02
C GLY A 67 -17.51 21.15 17.48
N LYS A 68 -17.15 19.90 17.77
CA LYS A 68 -16.81 19.57 19.16
C LYS A 68 -15.54 20.28 19.65
N LEU A 69 -14.66 20.72 18.74
CA LEU A 69 -13.44 21.41 19.13
C LEU A 69 -13.56 22.93 19.14
N GLY A 70 -14.76 23.47 19.02
CA GLY A 70 -14.87 24.91 18.97
C GLY A 70 -14.40 25.52 17.69
N LEU A 71 -14.27 24.73 16.61
CA LEU A 71 -13.66 25.20 15.38
C LEU A 71 -14.65 25.41 14.23
N VAL A 72 -15.94 25.53 14.53
CA VAL A 72 -16.94 25.99 13.57
C VAL A 72 -17.60 27.22 14.17
N GLY A 73 -17.54 28.35 13.45
CA GLY A 73 -18.23 29.56 13.83
C GLY A 73 -19.50 29.66 13.01
N VAL A 74 -20.64 29.67 13.71
CA VAL A 74 -21.95 29.52 13.11
C VAL A 74 -22.75 30.81 13.24
N ASN A 75 -23.37 31.27 12.13
CA ASN A 75 -24.32 32.39 12.12
C ASN A 75 -23.62 33.69 12.46
N LEU A 76 -22.61 34.03 11.69
CA LEU A 76 -21.79 35.18 11.96
C LEU A 76 -21.91 36.16 10.82
N THR A 77 -21.79 37.45 11.13
CA THR A 77 -21.58 38.39 10.08
C THR A 77 -20.14 38.26 9.61
N LEU A 78 -19.83 38.88 8.48
CA LEU A 78 -18.44 38.92 8.07
C LEU A 78 -17.52 39.45 9.19
N ASP A 79 -17.95 40.52 9.86
CA ASP A 79 -17.15 41.04 10.95
C ASP A 79 -17.01 40.03 12.07
N GLY A 80 -18.07 39.26 12.31
CA GLY A 80 -18.01 38.22 13.31
C GLY A 80 -17.07 37.09 12.92
N VAL A 81 -17.00 36.79 11.63
CA VAL A 81 -16.03 35.81 11.13
C VAL A 81 -14.62 36.31 11.36
N LYS A 82 -14.35 37.56 11.00
CA LYS A 82 -13.01 38.10 11.16
C LYS A 82 -12.59 38.08 12.63
N SER A 83 -13.52 38.41 13.52
CA SER A 83 -13.23 38.40 14.95
C SER A 83 -13.00 36.98 15.45
N TRP A 84 -13.81 36.02 14.97
CA TRP A 84 -13.63 34.61 15.33
C TRP A 84 -12.30 34.05 14.82
N LEU A 85 -11.85 34.50 13.66
CA LEU A 85 -10.57 34.07 13.13
C LEU A 85 -9.37 34.68 13.85
N LYS A 86 -9.52 35.82 14.52
CA LYS A 86 -8.33 36.45 15.09
C LYS A 86 -7.58 35.52 16.04
N PRO A 87 -8.22 34.85 16.99
CA PRO A 87 -7.48 33.94 17.87
C PRO A 87 -7.15 32.59 17.27
N ARG A 88 -7.48 32.34 16.00
CA ARG A 88 -7.33 30.99 15.46
C ARG A 88 -6.45 30.95 14.24
N LEU A 89 -6.64 31.90 13.33
CA LEU A 89 -6.03 31.86 12.02
C LEU A 89 -4.55 32.07 12.20
N GLY A 90 -3.76 31.11 11.72
CA GLY A 90 -2.33 31.17 11.88
C GLY A 90 -1.84 30.71 13.23
N GLN A 91 -2.71 30.22 14.09
CA GLN A 91 -2.26 29.71 15.38
C GLN A 91 -1.95 28.21 15.33
N GLU A 92 -1.01 27.80 16.16
CA GLU A 92 -0.80 26.39 16.41
C GLU A 92 -1.96 25.78 17.15
N ALA A 93 -2.35 24.58 16.74
CA ALA A 93 -3.38 23.85 17.44
C ALA A 93 -3.04 22.37 17.48
N THR A 94 -3.41 21.73 18.59
CA THR A 94 -3.30 20.29 18.76
C THR A 94 -4.69 19.68 18.68
N VAL A 95 -4.85 18.73 17.78
CA VAL A 95 -6.07 17.96 17.60
C VAL A 95 -5.73 16.49 17.84
N GLY A 96 -6.34 15.91 18.86
CA GLY A 96 -5.95 14.60 19.30
C GLY A 96 -4.50 14.70 19.73
N LYS A 97 -3.60 14.02 19.02
CA LYS A 97 -2.18 14.07 19.33
C LYS A 97 -1.34 14.73 18.25
N ALA A 98 -1.96 15.22 17.17
CA ALA A 98 -1.27 15.97 16.13
C ALA A 98 -1.30 17.48 16.38
N THR A 99 -0.19 18.13 16.08
CA THR A 99 -0.01 19.55 16.23
C THR A 99 0.37 20.18 14.89
N GLY A 100 -0.34 21.22 14.50
CA GLY A 100 0.02 22.00 13.34
C GLY A 100 -0.65 23.35 13.34
N PHE A 101 -0.48 24.08 12.25
CA PHE A 101 -1.03 25.44 12.15
C PHE A 101 -2.40 25.47 11.49
N LEU A 102 -3.30 26.24 12.09
CA LEU A 102 -4.60 26.48 11.50
C LEU A 102 -4.41 27.53 10.43
N LYS A 103 -4.42 27.12 9.16
CA LYS A 103 -4.03 28.05 8.11
C LYS A 103 -4.91 27.99 6.88
N ASN A 104 -5.99 27.22 6.88
CA ASN A 104 -6.83 27.12 5.69
C ASN A 104 -8.27 26.97 6.15
N PHE A 105 -9.11 27.99 5.86
CA PHE A 105 -10.48 28.04 6.34
C PHE A 105 -11.42 28.25 5.17
N LEU A 106 -12.60 27.68 5.32
CA LEU A 106 -13.71 27.86 4.40
C LEU A 106 -14.78 28.68 5.09
N ILE A 107 -15.31 29.66 4.36
CA ILE A 107 -16.49 30.43 4.75
C ILE A 107 -17.62 30.07 3.80
N GLU A 108 -18.80 29.84 4.35
CA GLU A 108 -19.96 29.48 3.56
C GLU A 108 -21.18 30.19 4.15
N PRO A 109 -22.26 30.28 3.38
CA PRO A 109 -23.50 30.84 3.92
C PRO A 109 -24.05 30.01 5.06
N PHE A 110 -24.49 30.69 6.11
CA PHE A 110 -25.34 30.06 7.12
C PHE A 110 -26.71 29.73 6.55
N VAL A 111 -27.19 28.52 6.84
CA VAL A 111 -28.46 28.03 6.31
C VAL A 111 -29.39 27.78 7.50
N PRO A 112 -30.33 28.69 7.76
CA PRO A 112 -31.27 28.44 8.87
C PRO A 112 -32.06 27.18 8.57
N HIS A 113 -32.22 26.32 9.57
CA HIS A 113 -32.94 25.07 9.39
C HIS A 113 -33.22 24.49 10.76
N SER A 114 -34.14 23.53 10.81
CA SER A 114 -34.42 22.81 12.04
C SER A 114 -33.67 21.48 12.14
N GLN A 115 -33.67 20.95 13.35
CA GLN A 115 -33.07 19.64 13.58
C GLN A 115 -33.70 18.60 12.68
N ALA A 116 -35.02 18.71 12.45
CA ALA A 116 -35.66 17.70 11.64
C ALA A 116 -35.33 17.83 10.17
N GLU A 117 -34.64 18.90 9.77
CA GLU A 117 -34.24 19.05 8.36
C GLU A 117 -32.79 18.59 8.13
N GLU A 118 -32.13 18.00 9.13
CA GLU A 118 -30.77 17.50 9.01
C GLU A 118 -30.79 15.99 8.79
N PHE A 119 -29.98 15.56 7.84
CA PHE A 119 -29.87 14.17 7.42
C PHE A 119 -28.40 13.81 7.37
N TYR A 120 -28.13 12.53 7.47
CA TYR A 120 -26.78 11.98 7.39
C TYR A 120 -26.78 11.02 6.21
N VAL A 121 -25.77 11.14 5.36
CA VAL A 121 -25.58 10.21 4.26
C VAL A 121 -24.10 9.92 4.18
N CYS A 122 -23.75 8.64 3.96
CA CYS A 122 -22.37 8.23 3.82
C CYS A 122 -22.31 7.07 2.84
N ILE A 123 -21.27 7.05 2.03
CA ILE A 123 -21.00 5.93 1.12
C ILE A 123 -19.57 5.52 1.39
N TYR A 124 -19.32 4.22 1.57
CA TYR A 124 -17.94 3.79 1.73
C TYR A 124 -17.71 2.41 1.16
N ALA A 125 -16.51 2.24 0.67
CA ALA A 125 -16.11 1.09 -0.14
C ALA A 125 -15.63 -0.03 0.77
N THR A 126 -15.96 -1.26 0.39
CA THR A 126 -15.38 -2.47 0.98
C THR A 126 -15.17 -3.47 -0.14
N ARG A 127 -14.62 -4.60 0.23
CA ARG A 127 -14.35 -5.67 -0.72
C ARG A 127 -15.62 -6.11 -1.44
N GLU A 128 -16.71 -6.22 -0.71
CA GLU A 128 -17.94 -6.77 -1.26
C GLU A 128 -18.81 -5.70 -1.93
N GLY A 129 -18.41 -4.44 -1.92
CA GLY A 129 -19.20 -3.42 -2.55
C GLY A 129 -19.19 -2.16 -1.74
N ASP A 130 -20.11 -1.27 -2.04
CA ASP A 130 -20.14 0.02 -1.38
C ASP A 130 -21.34 0.09 -0.43
N TYR A 131 -21.11 0.41 0.83
CA TYR A 131 -22.22 0.54 1.75
C TYR A 131 -22.72 1.98 1.73
N VAL A 132 -24.04 2.13 1.67
CA VAL A 132 -24.71 3.42 1.69
C VAL A 132 -25.51 3.54 2.98
N LEU A 133 -25.21 4.58 3.72
CA LEU A 133 -25.80 4.82 5.03
C LEU A 133 -26.68 6.05 5.01
N PHE A 134 -27.83 5.92 5.65
CA PHE A 134 -28.76 7.03 5.80
C PHE A 134 -29.25 7.10 7.23
N HIS A 135 -29.36 8.31 7.75
CA HIS A 135 -29.92 8.51 9.08
C HIS A 135 -30.65 9.84 9.12
N HIS A 136 -31.78 9.87 9.81
CA HIS A 136 -32.49 11.13 9.96
C HIS A 136 -32.23 11.75 11.34
N ALA A 149 -30.77 4.29 12.08
CA ALA A 149 -29.79 4.32 10.96
C ALA A 149 -30.02 3.15 10.00
N GLN A 150 -30.14 3.45 8.71
CA GLN A 150 -30.31 2.45 7.68
C GLN A 150 -29.04 2.32 6.85
N LYS A 151 -28.70 1.08 6.47
CA LYS A 151 -27.47 0.84 5.70
C LYS A 151 -27.74 -0.28 4.70
N LEU A 152 -27.25 -0.10 3.47
CA LEU A 152 -27.47 -1.00 2.35
C LEU A 152 -26.12 -1.28 1.69
N LEU A 153 -25.80 -2.55 1.51
CA LEU A 153 -24.70 -2.94 0.64
C LEU A 153 -25.15 -2.86 -0.82
N VAL A 154 -24.40 -2.12 -1.61
CA VAL A 154 -24.61 -2.07 -3.05
C VAL A 154 -23.48 -2.89 -3.65
N GLY A 155 -23.84 -4.05 -4.21
CA GLY A 155 -22.86 -4.93 -4.81
C GLY A 155 -22.13 -4.30 -5.98
N VAL A 156 -21.02 -4.94 -6.31
CA VAL A 156 -20.05 -4.40 -7.26
C VAL A 156 -20.69 -4.10 -8.62
N ASP A 157 -21.62 -4.90 -9.05
CA ASP A 157 -22.23 -4.66 -10.35
C ASP A 157 -23.64 -4.14 -10.23
N GLU A 158 -24.06 -3.71 -9.03
CA GLU A 158 -25.42 -3.27 -8.83
C GLU A 158 -25.56 -1.78 -9.06
N LYS A 159 -26.75 -1.41 -9.54
CA LYS A 159 -27.16 -0.03 -9.64
C LYS A 159 -27.88 0.38 -8.36
N LEU A 160 -27.94 1.69 -8.10
CA LEU A 160 -28.70 2.23 -6.98
C LEU A 160 -29.66 3.29 -7.52
N ASN A 161 -30.92 2.89 -7.77
CA ASN A 161 -31.94 3.79 -8.27
C ASN A 161 -32.75 4.41 -7.13
N PRO A 162 -33.41 5.54 -7.38
CA PRO A 162 -34.20 6.17 -6.31
C PRO A 162 -35.18 5.22 -5.65
N GLU A 163 -35.85 4.35 -6.44
CA GLU A 163 -36.81 3.43 -5.84
C GLU A 163 -36.12 2.46 -4.89
N ASP A 164 -34.88 2.06 -5.22
CA ASP A 164 -34.07 1.23 -4.31
C ASP A 164 -33.82 1.96 -3.00
N ILE A 165 -33.46 3.24 -3.08
CA ILE A 165 -33.17 4.03 -1.90
C ILE A 165 -34.41 4.20 -1.03
N LYS A 166 -35.55 4.50 -1.66
CA LYS A 166 -36.81 4.60 -0.90
C LYS A 166 -37.11 3.30 -0.17
N LYS A 167 -37.04 2.16 -0.89
CA LYS A 167 -37.37 0.88 -0.29
C LYS A 167 -36.41 0.50 0.86
N HIS A 168 -35.10 0.68 0.68
CA HIS A 168 -34.15 0.15 1.65
C HIS A 168 -33.61 1.16 2.65
N LEU A 169 -33.60 2.45 2.33
CA LEU A 169 -32.99 3.42 3.23
C LEU A 169 -33.95 4.41 3.84
N LEU A 170 -35.01 4.80 3.15
CA LEU A 170 -35.79 5.96 3.57
C LEU A 170 -37.05 5.60 4.35
N VAL A 171 -37.15 4.36 4.84
CA VAL A 171 -38.36 3.91 5.52
C VAL A 171 -38.78 4.89 6.62
N HIS A 172 -37.83 5.44 7.38
CA HIS A 172 -38.16 6.37 8.47
C HIS A 172 -38.11 7.84 8.09
N ALA A 173 -37.85 8.18 6.83
CA ALA A 173 -37.69 9.60 6.54
C ALA A 173 -39.05 10.27 6.39
N PRO A 174 -39.13 11.58 6.64
CA PRO A 174 -40.42 12.27 6.50
C PRO A 174 -40.96 12.07 5.09
N GLU A 175 -42.26 11.84 5.02
CA GLU A 175 -42.85 11.47 3.74
C GLU A 175 -42.64 12.55 2.70
N ASP A 176 -42.72 13.83 3.10
CA ASP A 176 -42.60 14.88 2.10
C ASP A 176 -41.17 15.04 1.58
N LYS A 177 -40.19 14.36 2.17
CA LYS A 177 -38.81 14.50 1.71
C LYS A 177 -38.23 13.26 1.03
N LYS A 178 -38.98 12.17 0.89
CA LYS A 178 -38.43 10.93 0.33
C LYS A 178 -38.01 11.09 -1.13
N GLU A 179 -38.83 11.77 -1.94
CA GLU A 179 -38.51 11.91 -3.36
C GLU A 179 -37.23 12.70 -3.57
N ILE A 180 -37.07 13.81 -2.87
CA ILE A 180 -35.88 14.63 -3.07
C ILE A 180 -34.65 13.95 -2.46
N LEU A 181 -34.81 13.30 -1.30
CA LEU A 181 -33.70 12.53 -0.71
C LEU A 181 -33.27 11.40 -1.63
N ALA A 182 -34.23 10.67 -2.21
CA ALA A 182 -33.90 9.54 -3.07
C ALA A 182 -33.19 10.00 -4.33
N SER A 183 -33.71 11.05 -4.96
CA SER A 183 -33.05 11.58 -6.13
C SER A 183 -31.62 12.04 -5.81
N PHE A 184 -31.43 12.73 -4.68
CA PHE A 184 -30.11 13.23 -4.34
C PHE A 184 -29.14 12.08 -4.11
N ILE A 185 -29.57 11.09 -3.32
CA ILE A 185 -28.68 10.00 -2.95
C ILE A 185 -28.34 9.16 -4.16
N SER A 186 -29.29 8.98 -5.08
CA SER A 186 -28.98 8.26 -6.32
C SER A 186 -27.95 9.02 -7.13
N GLY A 187 -28.14 10.33 -7.28
CA GLY A 187 -27.13 11.19 -7.91
C GLY A 187 -25.77 11.14 -7.21
N LEU A 188 -25.77 11.27 -5.88
CA LEU A 188 -24.55 11.14 -5.11
C LEU A 188 -23.79 9.85 -5.39
N PHE A 189 -24.49 8.74 -5.37
CA PHE A 189 -23.87 7.43 -5.61
C PHE A 189 -23.29 7.32 -7.03
N ASN A 190 -24.03 7.77 -8.05
CA ASN A 190 -23.47 7.78 -9.40
C ASN A 190 -22.21 8.64 -9.47
N PHE A 191 -22.22 9.78 -8.76
CA PHE A 191 -21.06 10.67 -8.70
C PHE A 191 -19.89 9.99 -8.02
N TYR A 192 -20.18 9.32 -6.90
CA TYR A 192 -19.17 8.58 -6.16
C TYR A 192 -18.48 7.56 -7.06
N GLU A 193 -19.26 6.82 -7.85
CA GLU A 193 -18.69 5.81 -8.73
C GLU A 193 -17.94 6.44 -9.90
N ASP A 194 -18.54 7.42 -10.56
CA ASP A 194 -17.92 8.01 -11.74
C ASP A 194 -16.56 8.62 -11.42
N LEU A 195 -16.41 9.20 -10.23
CA LEU A 195 -15.19 9.89 -9.87
C LEU A 195 -14.29 9.08 -8.97
N TYR A 196 -14.57 7.77 -8.84
CA TYR A 196 -13.69 6.84 -8.13
C TYR A 196 -13.44 7.28 -6.68
N PHE A 197 -14.51 7.70 -6.00
CA PHE A 197 -14.44 7.88 -4.57
C PHE A 197 -14.36 6.53 -3.87
N THR A 198 -13.76 6.51 -2.69
CA THR A 198 -13.85 5.37 -1.80
C THR A 198 -14.54 5.69 -0.49
N TYR A 199 -14.79 6.97 -0.21
CA TYR A 199 -15.47 7.36 1.01
C TYR A 199 -16.07 8.73 0.75
N LEU A 200 -17.34 8.91 1.10
CA LEU A 200 -17.98 10.21 0.91
C LEU A 200 -19.05 10.36 1.97
N GLU A 201 -18.87 11.33 2.87
CA GLU A 201 -19.80 11.55 3.98
C GLU A 201 -20.30 13.00 3.96
N ILE A 202 -21.62 13.16 4.01
CA ILE A 202 -22.25 14.46 4.14
C ILE A 202 -22.99 14.48 5.46
N ASN A 203 -22.47 15.22 6.43
CA ASN A 203 -23.00 15.27 7.77
C ASN A 203 -22.94 16.69 8.33
N PRO A 204 -24.02 17.48 8.24
CA PRO A 204 -25.33 17.13 7.74
C PRO A 204 -25.57 17.52 6.30
N LEU A 205 -26.48 16.74 5.73
CA LEU A 205 -27.23 17.16 4.56
C LEU A 205 -28.52 17.80 5.04
N VAL A 206 -28.84 18.99 4.54
CA VAL A 206 -30.05 19.67 4.98
C VAL A 206 -31.01 19.79 3.81
N VAL A 207 -32.30 19.55 4.09
CA VAL A 207 -33.34 19.70 3.10
C VAL A 207 -34.42 20.55 3.72
N THR A 208 -34.65 21.72 3.14
CA THR A 208 -35.70 22.61 3.56
C THR A 208 -36.69 22.75 2.42
N LYS A 209 -37.68 23.60 2.64
CA LYS A 209 -38.64 23.91 1.59
C LYS A 209 -37.97 24.53 0.37
N ASP A 210 -36.74 25.03 0.51
CA ASP A 210 -36.03 25.66 -0.60
C ASP A 210 -35.07 24.74 -1.32
N GLY A 211 -34.79 23.56 -0.80
CA GLY A 211 -33.96 22.64 -1.53
C GLY A 211 -32.96 21.95 -0.62
N VAL A 212 -31.91 21.44 -1.25
CA VAL A 212 -30.89 20.62 -0.62
C VAL A 212 -29.64 21.46 -0.38
N TYR A 213 -29.05 21.28 0.79
CA TYR A 213 -27.86 22.02 1.17
C TYR A 213 -26.83 21.01 1.65
N VAL A 214 -25.64 21.09 1.09
CA VAL A 214 -24.53 20.24 1.49
C VAL A 214 -23.71 21.06 2.49
N LEU A 215 -24.00 20.88 3.76
CA LEU A 215 -23.39 21.72 4.78
C LEU A 215 -21.98 21.27 5.12
N ASP A 216 -21.70 19.97 5.01
CA ASP A 216 -20.41 19.42 5.38
C ASP A 216 -20.09 18.28 4.41
N LEU A 217 -18.82 18.07 4.11
CA LEU A 217 -18.45 16.97 3.23
C LEU A 217 -17.04 16.52 3.55
N ALA A 218 -16.87 15.20 3.67
CA ALA A 218 -15.60 14.55 3.90
C ALA A 218 -15.48 13.44 2.88
N ALA A 219 -14.29 13.24 2.32
CA ALA A 219 -14.18 12.31 1.21
C ALA A 219 -12.77 11.84 0.99
N LYS A 220 -12.66 10.63 0.44
CA LYS A 220 -11.43 10.05 -0.07
C LYS A 220 -11.65 9.56 -1.49
N VAL A 221 -10.64 9.75 -2.34
CA VAL A 221 -10.66 9.22 -3.69
C VAL A 221 -9.51 8.24 -3.83
N ASP A 222 -9.70 7.29 -4.73
CA ASP A 222 -8.64 6.33 -5.04
C ASP A 222 -7.70 7.03 -5.98
N ALA A 223 -6.60 7.54 -5.43
CA ALA A 223 -5.63 8.30 -6.21
C ALA A 223 -5.03 7.54 -7.40
N THR A 224 -5.05 6.19 -7.41
CA THR A 224 -4.51 5.47 -8.58
C THR A 224 -5.38 5.63 -9.79
N ALA A 225 -6.60 6.15 -9.63
CA ALA A 225 -7.49 6.31 -10.76
C ALA A 225 -7.29 7.63 -11.51
N ASP A 226 -6.18 8.31 -11.28
CA ASP A 226 -5.91 9.56 -11.99
C ASP A 226 -5.89 9.39 -13.52
N TYR A 227 -5.30 8.28 -14.03
CA TYR A 227 -5.30 8.07 -15.48
C TYR A 227 -6.71 7.91 -16.04
N ILE A 228 -7.68 7.50 -15.22
CA ILE A 228 -9.06 7.43 -15.67
C ILE A 228 -9.77 8.77 -15.47
N CYS A 229 -9.53 9.46 -14.35
CA CYS A 229 -10.41 10.53 -13.87
C CYS A 229 -9.90 11.95 -14.10
N LYS A 230 -8.69 12.09 -14.62
CA LYS A 230 -8.05 13.39 -14.57
C LYS A 230 -8.81 14.45 -15.34
N VAL A 231 -9.59 14.08 -16.37
CA VAL A 231 -10.40 15.07 -17.06
C VAL A 231 -11.42 15.71 -16.12
N LYS A 232 -11.98 14.92 -15.19
CA LYS A 232 -12.97 15.46 -14.26
C LYS A 232 -12.33 15.99 -12.99
N TRP A 233 -11.29 15.30 -12.50
CA TRP A 233 -10.59 15.74 -11.29
C TRP A 233 -9.85 17.05 -11.49
N GLY A 234 -9.31 17.28 -12.69
CA GLY A 234 -8.42 18.41 -12.86
C GLY A 234 -7.14 18.27 -12.05
N ASP A 235 -6.61 19.39 -11.60
CA ASP A 235 -5.36 19.42 -10.84
C ASP A 235 -5.64 19.22 -9.34
N ILE A 236 -6.19 18.04 -9.05
CA ILE A 236 -6.68 17.75 -7.70
C ILE A 236 -5.53 17.71 -6.73
N GLU A 237 -5.75 18.23 -5.52
CA GLU A 237 -4.78 18.25 -4.44
C GLU A 237 -5.14 17.24 -3.36
N PHE A 238 -4.11 16.59 -2.81
CA PHE A 238 -4.27 15.59 -1.75
C PHE A 238 -3.55 16.14 -0.54
N PRO A 239 -4.27 16.75 0.41
CA PRO A 239 -3.58 17.42 1.51
C PRO A 239 -2.97 16.41 2.45
N PRO A 240 -1.87 16.76 3.10
CA PRO A 240 -1.33 15.90 4.17
C PRO A 240 -2.28 15.87 5.34
N PRO A 241 -2.18 14.86 6.19
CA PRO A 241 -2.97 14.87 7.43
C PRO A 241 -2.61 16.07 8.28
N PHE A 242 -3.57 16.48 9.10
CA PHE A 242 -3.29 17.57 10.02
C PHE A 242 -2.16 17.17 10.94
N GLY A 243 -1.23 18.06 11.14
CA GLY A 243 -0.08 17.74 11.97
C GLY A 243 1.16 17.44 11.18
N ARG A 244 1.06 17.40 9.86
CA ARG A 244 2.23 17.33 9.00
C ARG A 244 2.13 18.45 8.00
N GLU A 245 3.31 18.92 7.58
CA GLU A 245 3.46 19.80 6.45
C GLU A 245 3.60 18.98 5.15
N ALA A 246 3.49 19.68 4.03
CA ALA A 246 3.92 19.16 2.74
C ALA A 246 5.25 19.82 2.37
N TYR A 247 6.17 19.05 1.79
CA TYR A 247 7.49 19.54 1.45
C TYR A 247 7.78 19.38 -0.05
N PRO A 248 8.61 20.26 -0.63
CA PRO A 248 8.89 20.14 -2.07
C PRO A 248 9.63 18.86 -2.42
N GLU A 249 10.48 18.36 -1.53
CA GLU A 249 11.16 17.09 -1.78
C GLU A 249 10.15 15.96 -1.92
N GLU A 250 9.11 15.95 -1.08
CA GLU A 250 8.05 14.96 -1.22
C GLU A 250 7.42 15.06 -2.58
N ALA A 251 7.15 16.29 -3.04
CA ALA A 251 6.57 16.48 -4.36
C ALA A 251 7.53 16.04 -5.45
N TYR A 252 8.83 16.25 -5.23
CA TYR A 252 9.83 15.82 -6.21
C TYR A 252 9.89 14.30 -6.33
N ILE A 253 9.91 13.59 -5.19
CA ILE A 253 9.91 12.13 -5.24
C ILE A 253 8.62 11.62 -5.88
N ALA A 254 7.50 12.17 -5.43
CA ALA A 254 6.21 11.83 -6.00
C ALA A 254 6.22 11.98 -7.53
N ASP A 255 6.88 13.02 -8.04
CA ASP A 255 6.98 13.17 -9.48
C ASP A 255 7.80 12.04 -10.11
N LEU A 256 8.92 11.67 -9.50
CA LEU A 256 9.68 10.51 -9.96
C LEU A 256 8.83 9.25 -9.95
N ASP A 257 8.07 9.04 -8.87
CA ASP A 257 7.27 7.84 -8.73
C ASP A 257 6.25 7.73 -9.86
N ALA A 258 5.80 8.86 -10.38
CA ALA A 258 4.76 8.88 -11.41
C ALA A 258 5.29 8.54 -12.80
N LYS A 259 6.59 8.69 -13.04
CA LYS A 259 7.14 8.59 -14.38
C LYS A 259 7.60 7.18 -14.73
N SER A 260 7.60 6.24 -13.79
CA SER A 260 8.07 4.89 -14.09
C SER A 260 7.26 3.87 -13.30
N GLY A 261 7.37 2.61 -13.73
CA GLY A 261 6.82 1.49 -12.97
C GLY A 261 7.51 1.26 -11.64
N ALA A 262 8.70 1.84 -11.43
CA ALA A 262 9.39 1.78 -10.15
C ALA A 262 8.64 2.60 -9.08
N SER A 263 8.63 2.07 -7.85
CA SER A 263 8.01 2.73 -6.71
C SER A 263 9.06 3.52 -5.94
N LEU A 264 8.83 4.83 -5.78
CA LEU A 264 9.69 5.74 -5.04
C LEU A 264 8.79 6.57 -4.11
N LYS A 265 8.91 6.36 -2.80
CA LYS A 265 8.08 7.06 -1.83
C LYS A 265 8.94 7.81 -0.81
N LEU A 266 8.44 8.96 -0.36
CA LEU A 266 9.13 9.73 0.67
C LEU A 266 8.10 10.53 1.46
N THR A 267 8.09 10.33 2.77
CA THR A 267 7.25 11.05 3.70
C THR A 267 8.14 11.57 4.82
N LEU A 268 8.20 12.90 4.96
CA LEU A 268 9.01 13.50 6.01
C LEU A 268 8.23 13.49 7.31
N LEU A 269 8.81 12.87 8.33
CA LEU A 269 8.23 12.86 9.67
C LEU A 269 8.80 14.01 10.52
N ASN A 270 10.10 13.98 10.76
CA ASN A 270 10.77 15.01 11.54
C ASN A 270 12.01 15.48 10.78
N PRO A 271 11.91 16.58 9.98
CA PRO A 271 13.08 17.05 9.21
C PRO A 271 14.35 17.27 10.02
N LYS A 272 14.26 17.44 11.34
CA LYS A 272 15.45 17.68 12.17
C LYS A 272 15.93 16.43 12.90
N GLY A 273 15.27 15.30 12.71
CA GLY A 273 15.74 14.08 13.32
C GLY A 273 17.10 13.63 12.79
N ARG A 274 17.86 12.98 13.66
CA ARG A 274 19.17 12.48 13.30
C ARG A 274 19.15 11.09 12.66
N ILE A 275 17.99 10.42 12.58
CA ILE A 275 17.91 9.05 12.05
C ILE A 275 17.20 9.06 10.70
N TRP A 276 17.95 8.83 9.64
CA TRP A 276 17.41 8.74 8.29
C TRP A 276 17.49 7.32 7.75
N THR A 277 16.53 6.97 6.92
CA THR A 277 16.55 5.66 6.27
C THR A 277 16.44 5.85 4.77
N MET A 278 16.95 4.86 4.06
CA MET A 278 16.74 4.77 2.63
C MET A 278 16.72 3.28 2.32
N VAL A 279 15.55 2.69 2.50
CA VAL A 279 15.36 1.24 2.49
C VAL A 279 14.64 0.84 1.22
N ALA A 280 15.03 -0.30 0.66
CA ALA A 280 14.35 -0.89 -0.48
C ALA A 280 13.10 -1.67 -0.01
N GLY A 281 11.98 -1.47 -0.69
CA GLY A 281 10.82 -2.33 -0.47
C GLY A 281 9.76 -1.84 0.50
N GLY A 282 8.49 -2.02 0.12
CA GLY A 282 7.40 -1.65 0.99
C GLY A 282 7.51 -2.32 2.36
N GLY A 283 7.53 -3.65 2.40
CA GLY A 283 7.61 -4.36 3.67
C GLY A 283 8.82 -4.02 4.49
N ALA A 284 10.03 -4.17 3.94
CA ALA A 284 11.23 -3.92 4.72
C ALA A 284 11.28 -2.48 5.22
N SER A 285 10.95 -1.50 4.38
CA SER A 285 10.97 -0.12 4.87
C SER A 285 10.12 0.02 6.13
N VAL A 286 8.96 -0.65 6.19
CA VAL A 286 8.16 -0.56 7.41
C VAL A 286 8.83 -1.30 8.58
N VAL A 287 9.42 -2.48 8.34
CA VAL A 287 10.06 -3.23 9.43
C VAL A 287 11.24 -2.48 10.01
N TYR A 288 12.06 -1.86 9.16
CA TYR A 288 13.12 -0.99 9.70
C TYR A 288 12.51 0.11 10.57
N SER A 289 11.44 0.76 10.09
CA SER A 289 10.87 1.85 10.89
C SER A 289 10.36 1.31 12.21
N ASP A 290 9.64 0.18 12.16
CA ASP A 290 9.21 -0.53 13.36
C ASP A 290 10.35 -0.76 14.32
N THR A 291 11.49 -1.18 13.79
CA THR A 291 12.60 -1.58 14.66
C THR A 291 13.27 -0.36 15.24
N ILE A 292 13.40 0.70 14.44
CA ILE A 292 13.91 1.95 14.97
C ILE A 292 13.07 2.43 16.15
N CYS A 293 11.73 2.38 16.03
CA CYS A 293 10.86 2.87 17.11
C CYS A 293 10.81 1.89 18.29
N ASP A 294 10.91 0.59 18.02
CA ASP A 294 10.99 -0.38 19.10
C ASP A 294 12.23 -0.14 19.93
N LEU A 295 13.20 0.60 19.37
CA LEU A 295 14.47 0.82 20.02
C LEU A 295 14.66 2.28 20.44
N GLY A 296 13.57 3.06 20.53
CA GLY A 296 13.61 4.36 21.18
C GLY A 296 13.72 5.54 20.26
N GLY A 297 13.95 5.34 18.97
CA GLY A 297 14.30 6.44 18.10
C GLY A 297 13.16 7.13 17.39
N VAL A 298 11.92 6.97 17.88
CA VAL A 298 10.78 7.53 17.16
C VAL A 298 10.85 9.05 17.13
N ASN A 299 11.40 9.69 18.15
CA ASN A 299 11.48 11.14 18.09
C ASN A 299 12.63 11.63 17.22
N GLU A 300 13.53 10.74 16.80
CA GLU A 300 14.64 11.13 15.94
C GLU A 300 14.54 10.53 14.55
N LEU A 301 13.51 9.73 14.28
CA LEU A 301 13.26 9.23 12.95
C LEU A 301 12.78 10.33 12.01
N ALA A 302 13.57 10.65 10.99
CA ALA A 302 13.23 11.79 10.14
C ALA A 302 12.19 11.48 9.06
N ASN A 303 12.15 10.25 8.59
CA ASN A 303 11.46 9.98 7.34
C ASN A 303 10.98 8.53 7.33
N TYR A 304 9.92 8.32 6.56
CA TYR A 304 9.55 7.01 6.05
C TYR A 304 9.59 7.08 4.55
N GLY A 305 10.13 6.05 3.92
CA GLY A 305 9.98 5.88 2.50
C GLY A 305 10.66 4.61 2.06
N GLU A 306 10.58 4.37 0.76
CA GLU A 306 11.14 3.18 0.14
C GLU A 306 11.36 3.42 -1.35
N TYR A 307 12.25 2.64 -1.90
CA TYR A 307 12.32 2.51 -3.34
C TYR A 307 12.18 1.03 -3.63
N SER A 308 11.52 0.69 -4.72
CA SER A 308 11.38 -0.71 -5.09
C SER A 308 11.00 -0.78 -6.55
N GLY A 309 10.91 -2.00 -7.06
CA GLY A 309 10.49 -2.17 -8.43
C GLY A 309 11.59 -1.94 -9.45
N ALA A 310 12.84 -2.23 -9.08
CA ALA A 310 13.98 -2.16 -10.00
C ALA A 310 14.14 -0.77 -10.60
N PRO A 311 14.33 0.26 -9.79
CA PRO A 311 14.63 1.58 -10.33
C PRO A 311 16.01 1.57 -10.98
N SER A 312 16.22 2.50 -11.90
CA SER A 312 17.52 2.64 -12.53
C SER A 312 18.52 3.33 -11.60
N GLU A 313 19.80 3.26 -11.99
CA GLU A 313 20.86 3.96 -11.28
C GLU A 313 20.57 5.46 -11.15
N GLN A 314 20.00 6.06 -12.21
CA GLN A 314 19.70 7.49 -12.18
C GLN A 314 18.49 7.82 -11.30
N GLN A 315 17.43 6.99 -11.34
CA GLN A 315 16.32 7.19 -10.41
C GLN A 315 16.79 7.07 -8.96
N THR A 316 17.71 6.14 -8.68
CA THR A 316 18.15 5.88 -7.31
C THR A 316 19.11 6.97 -6.85
N TYR A 317 19.86 7.53 -7.79
CA TYR A 317 20.69 8.72 -7.53
C TYR A 317 19.83 9.93 -7.16
N ASP A 318 18.81 10.19 -7.98
CA ASP A 318 17.91 11.32 -7.74
C ASP A 318 17.15 11.14 -6.42
N TYR A 319 16.70 9.92 -6.12
CA TYR A 319 16.13 9.63 -4.79
C TYR A 319 17.13 9.93 -3.69
N ALA A 320 18.33 9.34 -3.80
CA ALA A 320 19.29 9.42 -2.70
C ALA A 320 19.76 10.87 -2.48
N LYS A 321 19.98 11.62 -3.55
CA LYS A 321 20.48 12.99 -3.36
C LYS A 321 19.46 13.86 -2.64
N THR A 322 18.16 13.59 -2.83
CA THR A 322 17.11 14.25 -2.04
C THR A 322 17.31 13.97 -0.55
N ILE A 323 17.56 12.72 -0.18
CA ILE A 323 17.74 12.36 1.22
C ILE A 323 18.98 13.03 1.78
N LEU A 324 20.08 12.95 1.05
CA LEU A 324 21.34 13.45 1.58
C LEU A 324 21.28 14.98 1.72
N SER A 325 20.60 15.65 0.77
CA SER A 325 20.34 17.08 0.92
C SER A 325 19.57 17.37 2.20
N LEU A 326 18.43 16.67 2.40
CA LEU A 326 17.55 16.88 3.56
C LEU A 326 18.20 16.59 4.91
N MET A 327 19.23 15.74 4.98
CA MET A 327 19.86 15.42 6.26
C MET A 327 21.15 16.20 6.48
N THR A 328 21.49 17.10 5.56
CA THR A 328 22.60 18.03 5.69
C THR A 328 22.10 19.48 5.66
N ARG A 329 20.93 19.73 6.26
CA ARG A 329 20.40 21.10 6.32
C ARG A 329 20.81 21.79 7.62
N GLU A 330 20.86 21.05 8.72
CA GLU A 330 21.37 21.59 9.98
C GLU A 330 22.10 20.49 10.72
N LYS A 331 23.15 20.89 11.44
CA LYS A 331 23.98 20.00 12.22
C LYS A 331 23.25 19.52 13.46
N HIS A 332 23.80 18.47 14.05
CA HIS A 332 23.22 17.86 15.20
C HIS A 332 24.39 17.54 16.12
N PRO A 333 24.25 17.78 17.43
CA PRO A 333 25.40 17.55 18.32
C PRO A 333 25.94 16.15 18.23
N ASP A 334 25.05 15.16 18.10
CA ASP A 334 25.45 13.77 18.05
C ASP A 334 25.60 13.24 16.62
N GLY A 335 25.75 14.12 15.63
CA GLY A 335 25.79 13.69 14.27
C GLY A 335 24.47 13.03 13.86
N LYS A 336 24.54 12.24 12.78
CA LYS A 336 23.37 11.60 12.17
C LYS A 336 23.69 10.18 11.73
N ILE A 337 22.61 9.42 11.53
CA ILE A 337 22.65 8.03 11.08
C ILE A 337 21.85 7.90 9.78
N LEU A 338 22.42 7.21 8.80
CA LEU A 338 21.72 6.84 7.58
C LEU A 338 21.68 5.32 7.51
N ILE A 339 20.47 4.75 7.46
CA ILE A 339 20.26 3.30 7.37
C ILE A 339 19.89 2.97 5.93
N ILE A 340 20.79 2.29 5.22
CA ILE A 340 20.62 1.89 3.81
C ILE A 340 20.36 0.38 3.84
N GLY A 341 19.10 -0.01 3.84
CA GLY A 341 18.70 -1.35 4.22
C GLY A 341 17.82 -1.99 3.17
N GLY A 342 17.46 -3.23 3.43
CA GLY A 342 16.66 -3.97 2.48
C GLY A 342 16.56 -5.42 2.86
N SER A 343 15.57 -6.10 2.32
CA SER A 343 15.53 -7.54 2.40
C SER A 343 16.47 -8.08 1.35
N ILE A 344 16.39 -9.38 1.12
CA ILE A 344 17.00 -9.97 -0.05
C ILE A 344 16.06 -9.69 -1.22
N ALA A 345 16.43 -8.76 -2.09
CA ALA A 345 15.57 -8.41 -3.20
C ALA A 345 15.35 -9.61 -4.10
N ASN A 346 14.18 -9.61 -4.74
CA ASN A 346 13.82 -10.59 -5.75
C ASN A 346 14.32 -10.21 -7.13
N PHE A 347 14.34 -8.92 -7.49
CA PHE A 347 14.77 -8.64 -8.86
C PHE A 347 15.47 -7.31 -9.05
N THR A 348 15.54 -6.50 -8.02
CA THR A 348 16.17 -5.20 -8.14
C THR A 348 17.67 -5.40 -8.31
N ASN A 349 18.25 -4.73 -9.32
CA ASN A 349 19.69 -4.82 -9.55
C ASN A 349 20.38 -4.04 -8.46
N VAL A 350 20.82 -4.74 -7.42
CA VAL A 350 21.38 -4.04 -6.27
C VAL A 350 22.65 -3.27 -6.67
N ALA A 351 23.44 -3.82 -7.58
CA ALA A 351 24.66 -3.12 -7.95
C ALA A 351 24.32 -1.79 -8.61
N ALA A 352 23.36 -1.81 -9.53
CA ALA A 352 22.97 -0.63 -10.27
C ALA A 352 22.37 0.43 -9.35
N THR A 353 21.52 0.01 -8.41
CA THR A 353 20.92 0.97 -7.49
C THR A 353 21.95 1.49 -6.49
N PHE A 354 22.80 0.62 -5.94
CA PHE A 354 23.80 1.12 -5.01
C PHE A 354 24.85 2.00 -5.69
N LYS A 355 25.09 1.79 -6.98
CA LYS A 355 25.97 2.71 -7.72
C LYS A 355 25.36 4.10 -7.81
N GLY A 356 24.04 4.19 -8.05
CA GLY A 356 23.31 5.46 -7.91
C GLY A 356 23.53 6.11 -6.56
N ILE A 357 23.37 5.35 -5.47
CA ILE A 357 23.52 5.90 -4.13
C ILE A 357 24.96 6.33 -3.86
N VAL A 358 25.92 5.47 -4.20
CA VAL A 358 27.33 5.81 -4.06
C VAL A 358 27.67 7.12 -4.77
N ARG A 359 27.11 7.34 -5.97
CA ARG A 359 27.38 8.59 -6.69
C ARG A 359 26.77 9.78 -5.97
N ALA A 360 25.57 9.60 -5.42
CA ALA A 360 25.01 10.62 -4.55
C ALA A 360 25.92 10.86 -3.35
N ILE A 361 26.31 9.79 -2.64
CA ILE A 361 27.19 9.97 -1.49
C ILE A 361 28.43 10.76 -1.88
N ARG A 362 29.05 10.41 -3.02
CA ARG A 362 30.25 11.13 -3.47
C ARG A 362 29.98 12.61 -3.66
N ASP A 363 28.95 12.95 -4.44
CA ASP A 363 28.59 14.35 -4.67
C ASP A 363 28.37 15.11 -3.35
N TYR A 364 27.87 14.46 -2.29
CA TYR A 364 27.56 15.12 -1.04
C TYR A 364 28.57 14.80 0.08
N GLN A 365 29.74 14.24 -0.27
CA GLN A 365 30.65 13.77 0.77
C GLN A 365 31.06 14.91 1.69
N GLY A 366 31.21 16.13 1.17
CA GLY A 366 31.57 17.27 1.97
C GLY A 366 30.55 17.54 3.05
N PRO A 367 29.32 17.87 2.65
CA PRO A 367 28.29 18.08 3.67
C PRO A 367 28.09 16.90 4.60
N LEU A 368 28.13 15.67 4.07
CA LEU A 368 27.98 14.47 4.89
C LEU A 368 29.01 14.38 6.01
N LYS A 369 30.26 14.75 5.73
CA LYS A 369 31.26 14.79 6.80
C LYS A 369 30.97 15.89 7.80
N GLU A 370 30.49 17.04 7.33
CA GLU A 370 30.25 18.16 8.22
C GLU A 370 29.16 17.84 9.24
N HIS A 371 28.13 17.09 8.83
CA HIS A 371 27.03 16.73 9.71
C HIS A 371 27.27 15.43 10.43
N GLU A 372 28.50 14.91 10.37
CA GLU A 372 28.91 13.72 11.10
C GLU A 372 27.93 12.56 10.87
N VAL A 373 27.70 12.25 9.59
CA VAL A 373 26.80 11.16 9.20
C VAL A 373 27.57 9.85 9.25
N THR A 374 26.96 8.84 9.88
CA THR A 374 27.47 7.46 9.84
C THR A 374 26.45 6.59 9.11
N ILE A 375 26.94 5.72 8.22
CA ILE A 375 26.10 4.97 7.30
C ILE A 375 26.18 3.49 7.66
N PHE A 376 25.02 2.83 7.70
CA PHE A 376 24.93 1.38 7.82
C PHE A 376 24.16 0.80 6.62
N VAL A 377 24.71 -0.30 6.09
CA VAL A 377 24.22 -0.91 4.86
C VAL A 377 24.00 -2.39 5.13
N ARG A 378 22.81 -2.87 4.74
CA ARG A 378 22.50 -4.29 4.69
C ARG A 378 21.56 -4.54 3.54
N ARG A 379 21.91 -5.53 2.72
CA ARG A 379 21.16 -5.79 1.50
C ARG A 379 21.57 -7.13 0.88
N GLY A 380 20.58 -7.88 0.38
CA GLY A 380 20.80 -8.95 -0.57
C GLY A 380 20.00 -8.71 -1.84
N GLY A 381 20.13 -9.67 -2.77
CA GLY A 381 19.46 -9.61 -4.05
C GLY A 381 20.45 -9.71 -5.21
N PRO A 382 19.93 -9.58 -6.41
CA PRO A 382 20.76 -9.65 -7.62
C PRO A 382 21.96 -8.71 -7.62
N ASN A 383 23.13 -9.30 -7.85
CA ASN A 383 24.38 -8.56 -7.99
C ASN A 383 24.80 -7.85 -6.72
N TYR A 384 24.38 -8.35 -5.56
CA TYR A 384 24.55 -7.55 -4.36
C TYR A 384 25.99 -7.49 -3.90
N GLN A 385 26.82 -8.48 -4.27
CA GLN A 385 28.21 -8.43 -3.79
C GLN A 385 28.95 -7.21 -4.35
N GLU A 386 28.78 -6.92 -5.64
CA GLU A 386 29.33 -5.69 -6.23
C GLU A 386 28.65 -4.43 -5.65
N GLY A 387 27.35 -4.52 -5.36
CA GLY A 387 26.70 -3.45 -4.61
C GLY A 387 27.38 -3.17 -3.28
N LEU A 388 27.57 -4.20 -2.44
CA LEU A 388 28.23 -3.99 -1.16
C LEU A 388 29.67 -3.48 -1.33
N ARG A 389 30.36 -3.92 -2.38
CA ARG A 389 31.75 -3.49 -2.56
C ARG A 389 31.84 -1.98 -2.81
N VAL A 390 31.04 -1.47 -3.75
CA VAL A 390 31.15 -0.05 -4.09
C VAL A 390 30.68 0.81 -2.93
N MET A 391 29.88 0.27 -2.00
CA MET A 391 29.57 1.00 -0.77
C MET A 391 30.80 1.04 0.12
N GLY A 392 31.47 -0.10 0.30
CA GLY A 392 32.67 -0.10 1.10
C GLY A 392 33.73 0.81 0.49
N GLU A 393 33.79 0.83 -0.85
CA GLU A 393 34.77 1.62 -1.59
C GLU A 393 34.55 3.13 -1.38
N VAL A 394 33.31 3.61 -1.53
CA VAL A 394 33.07 5.04 -1.39
C VAL A 394 33.39 5.48 0.05
N GLY A 395 33.13 4.62 1.02
CA GLY A 395 33.50 4.93 2.39
C GLY A 395 34.97 5.25 2.57
N LYS A 396 35.84 4.47 1.91
CA LYS A 396 37.28 4.67 2.03
C LYS A 396 37.75 5.86 1.21
N THR A 397 37.18 6.05 0.02
CA THR A 397 37.50 7.22 -0.78
C THR A 397 37.15 8.50 -0.05
N THR A 398 35.98 8.57 0.57
CA THR A 398 35.46 9.84 1.08
C THR A 398 35.90 10.13 2.50
N GLY A 399 36.27 9.12 3.27
CA GLY A 399 36.43 9.26 4.69
C GLY A 399 35.15 9.11 5.50
N ILE A 400 34.00 8.89 4.86
CA ILE A 400 32.76 8.70 5.63
C ILE A 400 32.79 7.31 6.26
N PRO A 401 32.39 7.15 7.52
CA PRO A 401 32.28 5.79 8.09
C PRO A 401 31.07 5.07 7.51
N ILE A 402 31.32 3.91 6.88
CA ILE A 402 30.26 3.08 6.30
C ILE A 402 30.53 1.64 6.72
N HIS A 403 29.50 0.98 7.23
CA HIS A 403 29.61 -0.40 7.71
C HIS A 403 28.63 -1.24 6.89
N VAL A 404 29.17 -2.23 6.19
CA VAL A 404 28.50 -2.87 5.07
C VAL A 404 28.31 -4.35 5.37
N PHE A 405 27.06 -4.81 5.25
CA PHE A 405 26.64 -6.17 5.58
C PHE A 405 25.78 -6.72 4.46
N GLY A 406 25.74 -8.04 4.36
CA GLY A 406 25.03 -8.78 3.34
C GLY A 406 24.05 -9.78 3.94
N THR A 407 23.77 -10.84 3.18
CA THR A 407 22.72 -11.80 3.57
C THR A 407 23.02 -12.50 4.89
N GLU A 408 24.28 -12.52 5.31
CA GLU A 408 24.66 -13.22 6.52
C GLU A 408 24.31 -12.42 7.78
N THR A 409 23.78 -11.22 7.61
CA THR A 409 23.37 -10.39 8.73
C THR A 409 21.84 -10.34 8.73
N HIS A 410 21.25 -10.59 9.89
CA HIS A 410 19.82 -10.33 10.07
C HIS A 410 19.47 -8.93 9.59
N MET A 411 18.31 -8.81 8.94
CA MET A 411 18.01 -7.62 8.18
C MET A 411 18.13 -6.36 9.02
N THR A 412 17.65 -6.41 10.27
CA THR A 412 17.50 -5.19 11.06
C THR A 412 18.63 -5.00 12.06
N ALA A 413 19.58 -5.94 12.10
CA ALA A 413 20.71 -5.85 13.04
C ALA A 413 21.39 -4.49 12.96
N ILE A 414 21.46 -3.89 11.76
CA ILE A 414 22.16 -2.63 11.61
C ILE A 414 21.43 -1.51 12.37
N VAL A 415 20.15 -1.68 12.71
CA VAL A 415 19.49 -0.63 13.49
C VAL A 415 20.04 -0.63 14.91
N GLY A 416 20.04 -1.80 15.57
CA GLY A 416 20.69 -1.89 16.88
C GLY A 416 22.13 -1.43 16.87
N MET A 417 22.88 -1.78 15.82
CA MET A 417 24.26 -1.29 15.70
C MET A 417 24.29 0.23 15.75
N ALA A 418 23.42 0.88 14.98
CA ALA A 418 23.54 2.31 14.75
C ALA A 418 23.10 3.12 15.96
N LEU A 419 22.23 2.56 16.80
CA LEU A 419 21.80 3.20 18.03
C LEU A 419 22.58 2.72 19.26
N GLY A 420 23.65 1.95 19.07
CA GLY A 420 24.50 1.53 20.17
C GLY A 420 23.98 0.40 21.04
N HIS A 421 22.84 -0.19 20.72
CA HIS A 421 22.36 -1.28 21.56
C HIS A 421 23.24 -2.52 21.45
N ARG A 422 23.86 -2.73 20.30
CA ARG A 422 24.73 -3.87 20.07
C ARG A 422 26.01 -3.41 19.37
N PRO A 423 27.09 -4.18 19.50
CA PRO A 423 28.36 -3.79 18.85
C PRO A 423 28.34 -4.12 17.36
N ILE A 424 29.31 -3.55 16.65
CA ILE A 424 29.46 -3.74 15.22
C ILE A 424 30.29 -5.00 15.00
N PRO A 425 29.78 -6.03 14.29
CA PRO A 425 30.58 -7.23 14.05
C PRO A 425 31.36 -7.14 12.74
N GLU A 426 32.60 -6.69 12.84
CA GLU A 426 33.49 -6.65 11.69
C GLU A 426 33.69 -8.03 11.04
N ASN A 427 33.48 -9.13 11.78
CA ASN A 427 33.62 -10.48 11.21
C ASN A 427 32.54 -10.83 10.17
N LEU A 428 31.59 -9.94 9.91
CA LEU A 428 30.54 -10.22 8.94
C LEU A 428 30.54 -9.26 7.77
N TYR A 429 31.39 -8.23 7.78
CA TYR A 429 31.54 -7.29 6.68
C TYR A 429 31.50 -7.98 5.32
N PHE A 430 30.63 -7.47 4.43
CA PHE A 430 30.55 -7.86 3.03
C PHE A 430 30.01 -9.27 2.80
N GLN A 431 29.33 -9.85 3.81
CA GLN A 431 28.89 -11.26 3.75
C GLN A 431 27.35 -11.37 3.74
N SER B 1 -11.94 -21.34 0.81
CA SER B 1 -11.75 -20.53 -0.37
C SER B 1 -12.01 -21.33 -1.64
N LYS B 2 -11.02 -21.40 -2.52
CA LYS B 2 -11.15 -22.10 -3.80
C LYS B 2 -10.22 -23.31 -3.78
N SER B 3 -9.41 -23.56 -4.80
CA SER B 3 -8.62 -24.79 -4.84
C SER B 3 -7.59 -24.83 -3.73
N THR B 4 -7.35 -26.04 -3.21
CA THR B 4 -6.28 -26.25 -2.24
C THR B 4 -4.92 -26.22 -2.92
N THR B 5 -4.82 -26.79 -4.11
CA THR B 5 -3.55 -26.93 -4.82
C THR B 5 -3.59 -26.08 -6.09
N LEU B 6 -2.64 -25.16 -6.20
CA LEU B 6 -2.53 -24.31 -7.37
C LEU B 6 -1.44 -24.75 -8.34
N PHE B 7 -0.33 -25.29 -7.84
CA PHE B 7 0.80 -25.61 -8.70
C PHE B 7 1.34 -26.99 -8.35
N SER B 8 2.03 -27.55 -9.33
CA SER B 8 2.68 -28.83 -9.25
C SER B 8 3.90 -28.73 -10.14
N ARG B 9 4.75 -29.75 -10.07
CA ARG B 9 5.91 -29.78 -10.97
C ARG B 9 5.52 -30.00 -12.42
N HIS B 10 4.23 -30.16 -12.75
CA HIS B 10 3.81 -30.20 -14.15
C HIS B 10 3.11 -28.93 -14.61
N THR B 11 2.92 -27.96 -13.72
CA THR B 11 2.28 -26.71 -14.11
C THR B 11 2.93 -26.08 -15.32
N LYS B 12 2.10 -25.64 -16.29
CA LYS B 12 2.55 -24.81 -17.39
C LYS B 12 1.85 -23.45 -17.36
N ALA B 13 2.59 -22.39 -17.66
CA ALA B 13 2.08 -21.05 -17.58
C ALA B 13 2.22 -20.35 -18.92
N ILE B 14 1.34 -19.37 -19.14
CA ILE B 14 1.53 -18.30 -20.12
C ILE B 14 1.98 -17.06 -19.36
N VAL B 15 2.98 -16.34 -19.88
CA VAL B 15 3.37 -15.05 -19.31
C VAL B 15 2.89 -13.94 -20.25
N TRP B 16 2.13 -13.00 -19.70
CA TRP B 16 1.64 -11.84 -20.44
C TRP B 16 2.65 -10.72 -20.21
N GLY B 17 3.33 -10.30 -21.28
CA GLY B 17 4.34 -9.25 -21.19
C GLY B 17 5.69 -9.74 -21.70
N MET B 18 6.56 -8.80 -22.08
CA MET B 18 7.85 -9.16 -22.67
C MET B 18 8.83 -9.12 -21.50
N GLN B 19 8.83 -10.20 -20.75
CA GLN B 19 9.56 -10.28 -19.48
C GLN B 19 10.57 -11.42 -19.57
N THR B 20 11.57 -11.27 -20.45
CA THR B 20 12.51 -12.37 -20.72
C THR B 20 13.34 -12.73 -19.51
N ARG B 21 13.74 -11.74 -18.70
CA ARG B 21 14.50 -12.07 -17.50
C ARG B 21 13.64 -12.83 -16.50
N ALA B 22 12.39 -12.42 -16.30
CA ALA B 22 11.56 -13.20 -15.39
C ALA B 22 11.41 -14.62 -15.88
N VAL B 23 11.19 -14.81 -17.17
CA VAL B 23 10.94 -16.13 -17.71
C VAL B 23 12.19 -17.01 -17.60
N GLN B 24 13.36 -16.45 -17.88
CA GLN B 24 14.60 -17.21 -17.75
C GLN B 24 14.86 -17.60 -16.31
N GLY B 25 14.54 -16.70 -15.38
CA GLY B 25 14.67 -17.01 -13.97
C GLY B 25 13.77 -18.17 -13.55
N MET B 26 12.56 -18.23 -14.10
CA MET B 26 11.69 -19.37 -13.82
C MET B 26 12.31 -20.64 -14.36
N LEU B 27 12.86 -20.59 -15.58
CA LEU B 27 13.46 -21.76 -16.20
C LEU B 27 14.71 -22.25 -15.47
N ASP B 28 15.48 -21.33 -14.87
CA ASP B 28 16.66 -21.70 -14.07
C ASP B 28 16.22 -22.46 -12.83
N PHE B 29 15.17 -21.98 -12.18
CA PHE B 29 14.56 -22.69 -11.07
C PHE B 29 13.99 -24.03 -11.51
N ASP B 30 13.29 -24.06 -12.66
CA ASP B 30 12.73 -25.32 -13.12
C ASP B 30 13.82 -26.39 -13.25
N TYR B 31 14.97 -26.01 -13.82
CA TYR B 31 16.07 -26.94 -14.06
C TYR B 31 16.62 -27.54 -12.75
N VAL B 32 16.93 -26.71 -11.76
CA VAL B 32 17.49 -27.27 -10.52
C VAL B 32 16.45 -27.98 -9.69
N CYS B 33 15.18 -27.70 -9.95
CA CYS B 33 14.11 -28.51 -9.34
C CYS B 33 13.92 -29.85 -10.01
N SER B 34 14.63 -30.11 -11.11
CA SER B 34 14.52 -31.34 -11.88
C SER B 34 13.11 -31.51 -12.47
N ARG B 35 12.50 -30.40 -12.90
CA ARG B 35 11.31 -30.51 -13.72
C ARG B 35 11.61 -31.18 -15.06
N ASP B 36 10.63 -31.93 -15.57
CA ASP B 36 10.73 -32.49 -16.91
C ASP B 36 10.77 -31.40 -17.98
N GLU B 37 9.96 -30.35 -17.80
CA GLU B 37 9.74 -29.36 -18.84
C GLU B 37 9.77 -27.94 -18.25
N PRO B 38 10.12 -26.95 -19.05
CA PRO B 38 10.00 -25.56 -18.62
C PRO B 38 8.58 -25.24 -18.15
N SER B 39 8.47 -24.38 -17.14
CA SER B 39 7.16 -23.98 -16.62
C SER B 39 6.44 -22.95 -17.47
N VAL B 40 7.12 -22.31 -18.43
CA VAL B 40 6.52 -21.31 -19.34
C VAL B 40 6.33 -21.94 -20.69
N ALA B 41 5.07 -22.16 -21.07
CA ALA B 41 4.78 -22.69 -22.38
C ALA B 41 4.78 -21.64 -23.48
N ALA B 42 4.49 -20.38 -23.16
CA ALA B 42 4.27 -19.37 -24.18
C ALA B 42 4.18 -18.01 -23.51
N MET B 43 4.46 -16.98 -24.28
CA MET B 43 4.26 -15.62 -23.83
C MET B 43 3.26 -14.93 -24.76
N VAL B 44 2.55 -13.94 -24.22
CA VAL B 44 1.63 -13.09 -24.98
C VAL B 44 2.16 -11.66 -24.89
N TYR B 45 2.35 -11.03 -26.04
CA TYR B 45 2.84 -9.65 -26.09
C TYR B 45 2.22 -8.99 -27.31
N PRO B 46 1.19 -8.15 -27.12
CA PRO B 46 0.49 -7.55 -28.27
C PRO B 46 1.28 -6.51 -29.04
N PHE B 47 2.41 -6.05 -28.56
CA PHE B 47 3.14 -5.01 -29.26
C PHE B 47 4.10 -5.55 -30.31
N THR B 48 4.13 -6.86 -30.52
CA THR B 48 4.94 -7.45 -31.58
C THR B 48 4.11 -8.53 -32.25
N GLY B 49 4.54 -8.94 -33.44
CA GLY B 49 3.91 -10.08 -34.04
C GLY B 49 4.41 -11.38 -33.41
N ASP B 50 3.74 -12.48 -33.74
CA ASP B 50 4.20 -13.80 -33.33
C ASP B 50 5.68 -13.99 -33.66
N HIS B 51 6.42 -14.52 -32.71
CA HIS B 51 7.81 -14.85 -32.93
C HIS B 51 8.22 -15.83 -31.87
N LYS B 52 9.48 -16.21 -31.89
CA LYS B 52 10.02 -17.12 -30.90
C LYS B 52 11.16 -16.45 -30.18
N GLN B 53 11.21 -16.70 -28.90
CA GLN B 53 12.18 -16.08 -28.02
C GLN B 53 13.15 -17.17 -27.58
N LYS B 54 14.44 -16.82 -27.57
CA LYS B 54 15.49 -17.74 -27.14
C LYS B 54 15.60 -17.74 -25.62
N PHE B 55 15.64 -18.94 -25.04
CA PHE B 55 15.84 -19.13 -23.62
C PHE B 55 16.81 -20.29 -23.41
N TYR B 56 17.25 -20.49 -22.17
CA TYR B 56 18.18 -21.56 -21.86
C TYR B 56 17.59 -22.54 -20.85
N TRP B 57 17.64 -23.81 -21.22
CA TRP B 57 17.30 -24.91 -20.33
C TRP B 57 18.65 -25.53 -19.96
N GLY B 58 19.10 -25.29 -18.75
CA GLY B 58 20.50 -25.54 -18.47
C GLY B 58 21.36 -24.82 -19.51
N HIS B 59 22.19 -25.58 -20.20
CA HIS B 59 23.09 -25.01 -21.19
C HIS B 59 22.47 -25.01 -22.57
N LYS B 60 21.33 -25.67 -22.73
CA LYS B 60 20.72 -25.84 -24.05
C LYS B 60 19.79 -24.67 -24.33
N GLU B 61 20.01 -24.02 -25.46
CA GLU B 61 19.12 -23.00 -25.97
C GLU B 61 17.83 -23.64 -26.49
N ILE B 62 16.70 -23.08 -26.11
CA ILE B 62 15.39 -23.57 -26.54
C ILE B 62 14.57 -22.37 -26.99
N LEU B 63 13.46 -22.65 -27.65
CA LEU B 63 12.55 -21.60 -28.13
C LEU B 63 11.23 -21.65 -27.37
N ILE B 64 10.75 -20.49 -26.94
CA ILE B 64 9.42 -20.35 -26.36
C ILE B 64 8.63 -19.42 -27.27
N PRO B 65 7.45 -19.83 -27.72
CA PRO B 65 6.65 -18.98 -28.61
C PRO B 65 6.08 -17.77 -27.88
N VAL B 66 6.11 -16.62 -28.58
CA VAL B 66 5.48 -15.37 -28.16
C VAL B 66 4.36 -15.06 -29.15
N PHE B 67 3.13 -14.89 -28.64
CA PHE B 67 1.95 -14.65 -29.44
C PHE B 67 1.44 -13.20 -29.31
N LYS B 68 1.04 -12.61 -30.44
CA LYS B 68 0.37 -11.30 -30.40
C LYS B 68 -0.99 -11.41 -29.72
N ASN B 69 -1.71 -12.50 -29.95
CA ASN B 69 -3.09 -12.66 -29.50
C ASN B 69 -3.19 -13.74 -28.45
N MET B 70 -3.80 -13.40 -27.31
CA MET B 70 -3.99 -14.42 -26.28
C MET B 70 -4.76 -15.63 -26.78
N ALA B 71 -5.70 -15.45 -27.71
CA ALA B 71 -6.52 -16.58 -28.18
C ALA B 71 -5.65 -17.63 -28.87
N ASP B 72 -4.66 -17.19 -29.61
CA ASP B 72 -3.78 -18.17 -30.25
C ASP B 72 -2.94 -18.91 -29.21
N ALA B 73 -2.39 -18.20 -28.22
CA ALA B 73 -1.58 -18.85 -27.19
C ALA B 73 -2.39 -19.90 -26.46
N MET B 74 -3.63 -19.57 -26.11
CA MET B 74 -4.44 -20.50 -25.34
C MET B 74 -4.72 -21.73 -26.16
N ARG B 75 -5.08 -21.54 -27.43
CA ARG B 75 -5.49 -22.66 -28.27
C ARG B 75 -4.30 -23.57 -28.54
N LYS B 76 -3.11 -22.99 -28.76
CA LYS B 76 -1.95 -23.82 -29.02
C LYS B 76 -1.38 -24.46 -27.76
N HIS B 77 -1.84 -24.06 -26.56
CA HIS B 77 -1.28 -24.57 -25.30
C HIS B 77 -2.41 -24.87 -24.32
N PRO B 78 -3.22 -25.90 -24.64
CA PRO B 78 -4.30 -26.32 -23.74
C PRO B 78 -3.84 -26.83 -22.40
N GLU B 79 -2.57 -27.21 -22.26
CA GLU B 79 -2.01 -27.68 -21.01
C GLU B 79 -1.83 -26.55 -19.99
N VAL B 80 -1.81 -25.29 -20.44
CA VAL B 80 -1.60 -24.16 -19.56
C VAL B 80 -2.79 -23.95 -18.64
N ASP B 81 -2.54 -23.84 -17.33
CA ASP B 81 -3.61 -23.51 -16.38
C ASP B 81 -3.25 -22.33 -15.49
N VAL B 82 -2.15 -21.65 -15.79
CA VAL B 82 -1.73 -20.50 -15.02
C VAL B 82 -1.33 -19.40 -15.99
N LEU B 83 -1.74 -18.17 -15.67
CA LEU B 83 -1.27 -17.01 -16.40
C LEU B 83 -0.63 -16.04 -15.42
N ILE B 84 0.57 -15.58 -15.76
CA ILE B 84 1.30 -14.58 -14.98
C ILE B 84 1.23 -13.30 -15.81
N ASN B 85 0.59 -12.28 -15.25
CA ASN B 85 0.25 -11.06 -15.99
C ASN B 85 1.19 -9.94 -15.57
N PHE B 86 2.18 -9.63 -16.40
CA PHE B 86 3.01 -8.43 -16.19
C PHE B 86 2.48 -7.18 -16.92
N ALA B 87 1.23 -7.16 -17.36
CA ALA B 87 0.67 -5.95 -18.01
C ALA B 87 0.84 -4.73 -17.13
N SER B 88 1.08 -3.57 -17.76
CA SER B 88 1.11 -2.32 -16.98
C SER B 88 -0.22 -2.07 -16.28
N LEU B 89 -0.20 -1.14 -15.33
CA LEU B 89 -1.43 -0.91 -14.56
C LEU B 89 -2.59 -0.52 -15.48
N ARG B 90 -2.32 0.20 -16.57
CA ARG B 90 -3.36 0.69 -17.46
C ARG B 90 -4.10 -0.44 -18.14
N SER B 91 -3.44 -1.56 -18.45
CA SER B 91 -4.16 -2.63 -19.15
C SER B 91 -4.26 -3.93 -18.36
N ALA B 92 -3.85 -3.93 -17.10
CA ALA B 92 -3.95 -5.15 -16.32
C ALA B 92 -5.38 -5.59 -16.11
N TYR B 93 -6.29 -4.64 -15.99
CA TYR B 93 -7.68 -5.01 -15.79
C TYR B 93 -8.23 -5.73 -17.01
N ASP B 94 -8.08 -5.14 -18.21
CA ASP B 94 -8.67 -5.75 -19.38
C ASP B 94 -8.01 -7.08 -19.72
N SER B 95 -6.69 -7.20 -19.53
CA SER B 95 -6.08 -8.47 -19.91
C SER B 95 -6.41 -9.57 -18.92
N THR B 96 -6.60 -9.22 -17.66
CA THR B 96 -7.03 -10.21 -16.69
C THR B 96 -8.46 -10.63 -16.93
N MET B 97 -9.38 -9.69 -17.19
CA MET B 97 -10.73 -10.10 -17.55
C MET B 97 -10.72 -11.01 -18.78
N GLU B 98 -9.90 -10.67 -19.77
CA GLU B 98 -9.82 -11.52 -20.97
C GLU B 98 -9.35 -12.93 -20.60
N THR B 99 -8.29 -13.05 -19.78
CA THR B 99 -7.79 -14.36 -19.35
C THR B 99 -8.91 -15.21 -18.76
N MET B 100 -9.78 -14.59 -17.96
CA MET B 100 -10.85 -15.37 -17.33
C MET B 100 -11.97 -15.78 -18.29
N ASN B 101 -11.89 -15.45 -19.57
CA ASN B 101 -12.79 -16.06 -20.54
C ASN B 101 -12.31 -17.42 -20.98
N TYR B 102 -11.08 -17.82 -20.60
CA TYR B 102 -10.54 -19.15 -20.93
C TYR B 102 -10.67 -20.08 -19.74
N ALA B 103 -11.60 -21.04 -19.84
CA ALA B 103 -11.85 -21.97 -18.74
C ALA B 103 -10.62 -22.80 -18.32
N GLN B 104 -9.61 -22.92 -19.18
CA GLN B 104 -8.42 -23.69 -18.77
C GLN B 104 -7.62 -23.00 -17.68
N ILE B 105 -7.78 -21.70 -17.50
CA ILE B 105 -6.93 -20.95 -16.57
C ILE B 105 -7.56 -20.98 -15.19
N ARG B 106 -6.86 -21.56 -14.24
CA ARG B 106 -7.37 -21.67 -12.87
C ARG B 106 -6.64 -20.77 -11.89
N THR B 107 -5.47 -20.23 -12.24
CA THR B 107 -4.75 -19.32 -11.35
C THR B 107 -4.16 -18.18 -12.16
N ILE B 108 -4.31 -16.94 -11.67
CA ILE B 108 -3.75 -15.78 -12.37
C ILE B 108 -2.93 -15.02 -11.34
N ALA B 109 -1.69 -14.70 -11.70
CA ALA B 109 -0.91 -13.77 -10.90
C ALA B 109 -0.91 -12.42 -11.60
N ILE B 110 -1.25 -11.37 -10.84
CA ILE B 110 -1.30 -10.00 -11.36
C ILE B 110 -0.17 -9.24 -10.70
N ILE B 111 0.84 -8.90 -11.49
CA ILE B 111 2.03 -8.26 -10.96
C ILE B 111 1.85 -6.78 -10.65
N ALA B 112 1.23 -6.03 -11.56
CA ALA B 112 1.29 -4.56 -11.51
C ALA B 112 0.77 -3.96 -10.21
N GLU B 113 1.46 -2.92 -9.76
CA GLU B 113 1.01 -2.01 -8.72
C GLU B 113 0.27 -0.83 -9.35
N GLY B 114 -0.66 -0.26 -8.59
CA GLY B 114 -1.37 0.91 -9.04
C GLY B 114 -2.66 0.67 -9.78
N ILE B 115 -3.25 -0.53 -9.70
CA ILE B 115 -4.56 -0.78 -10.28
C ILE B 115 -5.61 -0.20 -9.34
N PRO B 116 -6.61 0.55 -9.84
CA PRO B 116 -7.65 1.09 -8.96
C PRO B 116 -8.39 0.00 -8.21
N GLU B 117 -8.68 0.28 -6.94
CA GLU B 117 -9.39 -0.66 -6.09
C GLU B 117 -10.72 -1.08 -6.69
N ALA B 118 -11.42 -0.15 -7.35
CA ALA B 118 -12.72 -0.49 -7.88
C ALA B 118 -12.61 -1.47 -9.04
N LEU B 119 -11.51 -1.40 -9.79
CA LEU B 119 -11.33 -2.40 -10.85
C LEU B 119 -10.95 -3.74 -10.27
N THR B 120 -10.10 -3.75 -9.26
CA THR B 120 -9.74 -5.00 -8.62
C THR B 120 -10.95 -5.71 -8.03
N ARG B 121 -11.91 -4.96 -7.46
CA ARG B 121 -13.10 -5.62 -6.91
C ARG B 121 -13.90 -6.34 -7.96
N LYS B 122 -13.94 -5.78 -9.17
CA LYS B 122 -14.62 -6.45 -10.26
C LYS B 122 -13.85 -7.67 -10.75
N LEU B 123 -12.52 -7.62 -10.74
CA LEU B 123 -11.77 -8.85 -11.03
C LEU B 123 -12.06 -9.90 -9.99
N ILE B 124 -12.06 -9.51 -8.73
CA ILE B 124 -12.33 -10.43 -7.64
C ILE B 124 -13.70 -11.09 -7.83
N LYS B 125 -14.72 -10.30 -8.17
CA LYS B 125 -16.08 -10.85 -8.39
C LYS B 125 -16.08 -11.86 -9.54
N LYS B 126 -15.48 -11.52 -10.69
CA LYS B 126 -15.46 -12.48 -11.80
C LYS B 126 -14.66 -13.72 -11.41
N ALA B 127 -13.57 -13.52 -10.67
CA ALA B 127 -12.72 -14.64 -10.31
C ALA B 127 -13.44 -15.58 -9.34
N ASP B 128 -14.17 -15.01 -8.37
CA ASP B 128 -14.89 -15.83 -7.38
C ASP B 128 -15.98 -16.65 -8.05
N GLN B 129 -16.61 -16.08 -9.05
CA GLN B 129 -17.66 -16.76 -9.78
C GLN B 129 -17.10 -17.90 -10.61
N LYS B 130 -15.89 -17.77 -11.10
CA LYS B 130 -15.31 -18.81 -11.94
C LYS B 130 -14.41 -19.77 -11.19
N GLY B 131 -14.19 -19.52 -9.91
CA GLY B 131 -13.32 -20.38 -9.15
C GLY B 131 -11.85 -20.16 -9.39
N VAL B 132 -11.47 -19.04 -10.02
CA VAL B 132 -10.09 -18.74 -10.36
C VAL B 132 -9.39 -18.14 -9.15
N THR B 133 -8.19 -18.60 -8.84
CA THR B 133 -7.41 -17.99 -7.77
C THR B 133 -6.61 -16.84 -8.34
N ILE B 134 -6.75 -15.66 -7.77
CA ILE B 134 -5.92 -14.52 -8.13
C ILE B 134 -4.92 -14.29 -7.03
N ILE B 135 -3.66 -14.18 -7.43
CA ILE B 135 -2.56 -13.80 -6.56
C ILE B 135 -2.14 -12.41 -7.02
N GLY B 136 -2.25 -11.43 -6.13
CA GLY B 136 -2.05 -10.05 -6.52
C GLY B 136 -3.35 -9.30 -6.44
N PRO B 137 -3.36 -8.05 -6.92
CA PRO B 137 -2.25 -7.40 -7.62
C PRO B 137 -1.12 -6.92 -6.72
N ALA B 138 -0.20 -6.19 -7.34
CA ALA B 138 0.87 -5.52 -6.63
C ALA B 138 1.71 -6.53 -5.87
N THR B 139 2.19 -7.55 -6.58
CA THR B 139 2.92 -8.64 -5.94
C THR B 139 4.04 -9.12 -6.86
N VAL B 140 5.03 -9.73 -6.24
CA VAL B 140 6.03 -10.49 -7.01
C VAL B 140 5.53 -11.88 -7.33
N GLY B 141 4.67 -12.42 -6.48
CA GLY B 141 4.00 -13.68 -6.78
C GLY B 141 4.07 -14.72 -5.67
N GLY B 142 5.00 -15.66 -5.79
CA GLY B 142 5.09 -16.76 -4.86
C GLY B 142 5.98 -17.85 -5.43
N ILE B 143 6.16 -18.90 -4.63
CA ILE B 143 7.09 -19.95 -5.02
C ILE B 143 6.67 -21.23 -4.34
N LYS B 144 6.63 -22.30 -5.12
CA LYS B 144 6.43 -23.63 -4.58
C LYS B 144 7.68 -24.46 -4.88
N PRO B 145 8.60 -24.54 -3.94
CA PRO B 145 9.85 -25.27 -4.17
C PRO B 145 9.63 -26.66 -4.76
N GLY B 146 10.44 -26.98 -5.77
CA GLY B 146 10.35 -28.22 -6.52
C GLY B 146 9.39 -28.19 -7.67
N CYS B 147 8.48 -27.21 -7.70
CA CYS B 147 7.31 -27.26 -8.58
C CYS B 147 7.23 -26.07 -9.52
N PHE B 148 7.18 -24.85 -8.99
CA PHE B 148 6.78 -23.73 -9.82
C PHE B 148 7.05 -22.45 -9.08
N LYS B 149 7.50 -21.43 -9.78
CA LYS B 149 7.61 -20.14 -9.13
C LYS B 149 7.10 -19.06 -10.07
N ILE B 150 6.49 -18.06 -9.47
CA ILE B 150 5.88 -16.98 -10.23
C ILE B 150 6.94 -15.92 -10.51
N GLY B 151 7.27 -15.77 -11.79
CA GLY B 151 7.97 -14.57 -12.23
C GLY B 151 9.29 -14.46 -11.54
N ASN B 152 9.51 -13.29 -10.95
CA ASN B 152 10.77 -12.96 -10.31
C ASN B 152 10.90 -13.51 -8.92
N THR B 153 9.89 -14.20 -8.40
CA THR B 153 9.92 -14.55 -6.99
C THR B 153 11.14 -15.42 -6.70
N GLY B 154 11.87 -15.09 -5.64
CA GLY B 154 13.03 -15.83 -5.21
C GLY B 154 14.32 -15.46 -5.93
N GLY B 155 14.28 -14.59 -6.94
CA GLY B 155 15.46 -14.06 -7.59
C GLY B 155 16.26 -15.04 -8.44
N MET B 156 17.57 -14.84 -8.41
CA MET B 156 18.43 -15.62 -9.27
C MET B 156 18.79 -16.98 -8.64
N LEU B 157 19.40 -17.84 -9.45
CA LEU B 157 19.74 -19.18 -9.03
C LEU B 157 20.53 -19.21 -7.74
N ASP B 158 21.54 -18.34 -7.59
CA ASP B 158 22.30 -18.35 -6.36
C ASP B 158 21.43 -18.16 -5.13
N ASN B 159 20.34 -17.38 -5.22
CA ASN B 159 19.46 -17.28 -4.08
C ASN B 159 18.60 -18.56 -3.94
N ILE B 160 18.12 -19.10 -5.07
CA ILE B 160 17.34 -20.35 -5.04
C ILE B 160 18.14 -21.45 -4.36
N LEU B 161 19.44 -21.53 -4.67
CA LEU B 161 20.29 -22.54 -4.05
C LEU B 161 20.54 -22.25 -2.58
N ALA B 162 20.92 -21.02 -2.25
CA ALA B 162 21.22 -20.67 -0.85
C ALA B 162 20.04 -20.94 0.06
N SER B 163 18.84 -20.62 -0.38
CA SER B 163 17.68 -20.86 0.47
C SER B 163 17.00 -22.20 0.22
N LYS B 164 17.63 -23.10 -0.51
CA LYS B 164 17.13 -24.49 -0.65
C LYS B 164 15.74 -24.53 -1.25
N LEU B 165 15.46 -23.62 -2.17
CA LEU B 165 14.14 -23.50 -2.75
C LEU B 165 13.93 -24.46 -3.90
N TYR B 166 14.92 -25.31 -4.15
CA TYR B 166 14.83 -26.36 -5.16
C TYR B 166 14.13 -27.64 -4.66
N ARG B 167 13.83 -27.78 -3.37
CA ARG B 167 13.04 -28.91 -2.91
C ARG B 167 12.25 -28.45 -1.70
N PRO B 168 11.06 -29.00 -1.50
CA PRO B 168 10.19 -28.52 -0.42
C PRO B 168 10.58 -29.06 0.95
N GLY B 169 10.44 -28.19 1.94
CA GLY B 169 10.46 -28.51 3.34
C GLY B 169 9.04 -28.64 3.86
N SER B 170 8.86 -28.35 5.13
CA SER B 170 7.54 -28.53 5.74
C SER B 170 6.81 -27.23 6.10
N VAL B 171 7.34 -26.06 5.76
CA VAL B 171 6.82 -24.79 6.27
C VAL B 171 6.17 -24.01 5.13
N ALA B 172 4.91 -23.65 5.29
CA ALA B 172 4.27 -22.81 4.29
C ALA B 172 4.15 -21.39 4.82
N TYR B 173 4.11 -20.42 3.92
CA TYR B 173 3.96 -19.06 4.41
C TYR B 173 3.15 -18.21 3.46
N VAL B 174 2.62 -17.14 4.03
CA VAL B 174 1.89 -16.13 3.27
C VAL B 174 2.30 -14.77 3.82
N SER B 175 2.53 -13.84 2.90
CA SER B 175 3.01 -12.52 3.27
C SER B 175 2.35 -11.49 2.37
N ARG B 176 2.21 -10.29 2.90
CA ARG B 176 1.81 -9.17 2.05
C ARG B 176 2.96 -8.68 1.19
N SER B 177 4.18 -8.65 1.74
CA SER B 177 5.34 -8.03 1.08
C SER B 177 6.06 -9.02 0.16
N GLY B 178 6.39 -8.57 -1.05
CA GLY B 178 7.21 -9.39 -1.93
C GLY B 178 8.65 -9.50 -1.46
N GLY B 179 9.29 -8.35 -1.25
CA GLY B 179 10.65 -8.36 -0.73
C GLY B 179 10.76 -9.16 0.55
N MET B 180 9.81 -8.99 1.46
CA MET B 180 9.94 -9.72 2.70
C MET B 180 9.70 -11.22 2.53
N SER B 181 9.03 -11.64 1.47
CA SER B 181 8.85 -13.08 1.30
C SER B 181 10.18 -13.74 0.90
N ASN B 182 11.05 -13.02 0.21
CA ASN B 182 12.38 -13.56 0.00
C ASN B 182 13.19 -13.57 1.30
N GLU B 183 12.93 -12.65 2.23
CA GLU B 183 13.53 -12.74 3.56
C GLU B 183 13.01 -13.95 4.33
N LEU B 184 11.73 -14.24 4.21
CA LEU B 184 11.18 -15.43 4.84
C LEU B 184 11.78 -16.71 4.24
N ASN B 185 11.96 -16.75 2.93
CA ASN B 185 12.67 -17.86 2.31
C ASN B 185 13.98 -18.13 3.06
N ASN B 186 14.74 -17.05 3.29
CA ASN B 186 16.04 -17.13 3.95
C ASN B 186 15.92 -17.63 5.38
N ILE B 187 15.05 -16.97 6.15
CA ILE B 187 14.85 -17.33 7.55
C ILE B 187 14.37 -18.76 7.69
N ILE B 188 13.31 -19.11 6.95
CA ILE B 188 12.77 -20.45 7.08
C ILE B 188 13.84 -21.48 6.68
N SER B 189 14.64 -21.20 5.67
CA SER B 189 15.60 -22.21 5.23
C SER B 189 16.67 -22.43 6.28
N ARG B 190 16.95 -21.43 7.13
CA ARG B 190 17.99 -21.53 8.12
C ARG B 190 17.51 -22.10 9.44
N THR B 191 16.20 -22.16 9.68
CA THR B 191 15.66 -22.59 10.96
C THR B 191 14.82 -23.85 10.89
N THR B 192 14.53 -24.37 9.70
CA THR B 192 13.60 -25.49 9.52
C THR B 192 14.12 -26.32 8.36
N ASP B 193 13.33 -27.33 7.94
CA ASP B 193 13.67 -28.09 6.74
C ASP B 193 13.33 -27.36 5.46
N GLY B 194 12.74 -26.16 5.54
CA GLY B 194 12.62 -25.26 4.41
C GLY B 194 11.17 -25.01 4.00
N VAL B 195 11.03 -24.17 2.97
CA VAL B 195 9.72 -23.76 2.49
C VAL B 195 9.07 -24.89 1.73
N TYR B 196 7.81 -25.17 2.05
CA TYR B 196 6.96 -26.02 1.22
C TYR B 196 6.31 -25.20 0.10
N GLU B 197 5.73 -24.06 0.44
CA GLU B 197 5.13 -23.17 -0.52
C GLU B 197 5.04 -21.80 0.14
N GLY B 198 5.29 -20.77 -0.65
CA GLY B 198 5.10 -19.42 -0.20
C GLY B 198 4.34 -18.60 -1.24
N VAL B 199 3.54 -17.68 -0.74
CA VAL B 199 2.74 -16.76 -1.57
C VAL B 199 2.85 -15.36 -0.99
N ALA B 200 3.03 -14.38 -1.88
CA ALA B 200 2.97 -12.97 -1.54
C ALA B 200 1.63 -12.46 -2.09
N ILE B 201 0.70 -12.07 -1.20
CA ILE B 201 -0.62 -11.68 -1.67
C ILE B 201 -0.67 -10.25 -2.19
N GLY B 202 0.42 -9.49 -2.03
CA GLY B 202 0.51 -8.14 -2.55
C GLY B 202 0.00 -7.18 -1.50
N GLY B 203 0.22 -5.91 -1.76
CA GLY B 203 -0.03 -4.89 -0.81
C GLY B 203 -1.31 -4.11 -1.00
N ASP B 204 -2.21 -4.52 -1.90
CA ASP B 204 -3.34 -3.66 -2.21
C ASP B 204 -4.44 -3.85 -1.19
N ARG B 205 -5.41 -2.92 -1.20
CA ARG B 205 -6.47 -2.94 -0.21
C ARG B 205 -7.26 -4.22 -0.34
N TYR B 206 -7.59 -4.64 -1.57
CA TYR B 206 -8.36 -5.85 -1.82
C TYR B 206 -7.46 -6.80 -2.59
N PRO B 207 -6.70 -7.62 -1.88
CA PRO B 207 -5.91 -8.64 -2.58
C PRO B 207 -6.81 -9.64 -3.26
N GLY B 208 -6.40 -10.11 -4.43
CA GLY B 208 -7.21 -11.09 -5.13
C GLY B 208 -7.46 -12.35 -4.29
N SER B 209 -6.52 -12.69 -3.44
CA SER B 209 -6.65 -13.79 -2.50
C SER B 209 -6.03 -13.33 -1.20
N THR B 210 -6.69 -13.67 -0.09
CA THR B 210 -6.35 -13.15 1.22
C THR B 210 -5.51 -14.15 2.00
N PHE B 211 -5.01 -13.70 3.15
CA PHE B 211 -4.24 -14.59 4.01
C PHE B 211 -5.00 -15.87 4.26
N MET B 212 -6.27 -15.74 4.62
CA MET B 212 -7.02 -16.92 5.03
C MET B 212 -7.24 -17.84 3.85
N ASP B 213 -7.45 -17.30 2.65
CA ASP B 213 -7.51 -18.18 1.49
C ASP B 213 -6.30 -19.11 1.45
N HIS B 214 -5.11 -18.57 1.65
CA HIS B 214 -3.98 -19.47 1.52
C HIS B 214 -3.77 -20.27 2.80
N VAL B 215 -4.07 -19.70 3.96
CA VAL B 215 -3.83 -20.49 5.16
C VAL B 215 -4.68 -21.75 5.14
N LEU B 216 -5.94 -21.62 4.68
CA LEU B 216 -6.81 -22.77 4.52
C LEU B 216 -6.25 -23.78 3.55
N ARG B 217 -5.71 -23.33 2.42
CA ARG B 217 -5.05 -24.29 1.54
C ARG B 217 -3.96 -25.06 2.27
N TYR B 218 -3.10 -24.35 3.01
CA TYR B 218 -2.02 -25.02 3.72
C TYR B 218 -2.53 -25.98 4.82
N GLN B 219 -3.52 -25.55 5.59
CA GLN B 219 -4.15 -26.45 6.54
C GLN B 219 -4.60 -27.75 5.87
N ASP B 220 -5.05 -27.67 4.64
CA ASP B 220 -5.56 -28.84 3.96
C ASP B 220 -4.51 -29.54 3.09
N THR B 221 -3.22 -29.18 3.21
CA THR B 221 -2.15 -29.80 2.43
C THR B 221 -1.27 -30.68 3.31
N PRO B 222 -1.21 -31.99 3.09
CA PRO B 222 -0.55 -32.87 4.09
C PRO B 222 0.93 -32.62 4.26
N GLY B 223 1.61 -32.30 3.18
CA GLY B 223 3.01 -31.94 3.26
C GLY B 223 3.29 -30.73 4.15
N VAL B 224 2.30 -29.89 4.43
CA VAL B 224 2.51 -28.73 5.29
C VAL B 224 2.28 -29.12 6.74
N LYS B 225 3.28 -28.84 7.57
CA LYS B 225 3.21 -29.12 8.99
C LYS B 225 3.11 -27.86 9.84
N MET B 226 3.53 -26.71 9.33
CA MET B 226 3.35 -25.47 10.06
C MET B 226 3.28 -24.32 9.07
N ILE B 227 2.74 -23.20 9.55
CA ILE B 227 2.39 -22.07 8.68
C ILE B 227 2.92 -20.80 9.30
N VAL B 228 3.54 -19.95 8.47
CA VAL B 228 4.05 -18.63 8.87
C VAL B 228 3.28 -17.56 8.11
N VAL B 229 2.78 -16.55 8.83
CA VAL B 229 2.05 -15.44 8.22
C VAL B 229 2.79 -14.14 8.58
N LEU B 230 3.12 -13.36 7.56
CA LEU B 230 3.65 -11.99 7.78
C LEU B 230 2.57 -10.98 7.41
N GLY B 231 1.88 -10.48 8.42
CA GLY B 231 0.80 -9.53 8.21
C GLY B 231 1.31 -8.09 8.15
N GLU B 232 0.37 -7.16 8.02
CA GLU B 232 0.69 -5.75 7.84
C GLU B 232 -0.49 -4.92 8.35
N ILE B 233 -0.16 -3.76 8.92
CA ILE B 233 -1.16 -2.73 9.25
C ILE B 233 -2.10 -2.53 8.08
N GLY B 234 -3.37 -2.30 8.37
CA GLY B 234 -4.33 -2.03 7.31
C GLY B 234 -5.30 -3.16 7.09
N GLY B 235 -6.61 -2.87 7.13
CA GLY B 235 -7.60 -3.93 6.93
C GLY B 235 -7.67 -4.84 8.17
N THR B 236 -8.46 -5.92 8.03
CA THR B 236 -8.76 -6.82 9.15
C THR B 236 -8.60 -8.28 8.72
N GLU B 237 -7.87 -8.52 7.64
CA GLU B 237 -7.75 -9.86 7.07
C GLU B 237 -7.22 -10.87 8.07
N GLU B 238 -6.33 -10.42 8.98
CA GLU B 238 -5.62 -11.34 9.88
C GLU B 238 -6.55 -11.91 10.96
N TYR B 239 -7.61 -11.17 11.33
CA TYR B 239 -8.54 -11.69 12.32
C TYR B 239 -9.26 -12.96 11.83
N LYS B 240 -9.30 -13.19 10.54
CA LYS B 240 -9.88 -14.45 10.08
C LYS B 240 -9.08 -15.65 10.54
N ILE B 241 -7.79 -15.44 10.90
CA ILE B 241 -6.97 -16.51 11.42
C ILE B 241 -7.40 -16.86 12.84
N CYS B 242 -7.61 -15.85 13.67
CA CYS B 242 -8.12 -16.09 15.01
C CYS B 242 -9.42 -16.88 14.95
N ARG B 243 -10.30 -16.50 14.04
CA ARG B 243 -11.58 -17.17 13.89
C ARG B 243 -11.38 -18.63 13.48
N GLY B 244 -10.52 -18.87 12.50
CA GLY B 244 -10.33 -20.25 12.01
C GLY B 244 -9.77 -21.19 13.07
N ILE B 245 -8.87 -20.68 13.91
CA ILE B 245 -8.40 -21.47 15.04
C ILE B 245 -9.53 -21.74 16.01
N LYS B 246 -10.27 -20.69 16.39
CA LYS B 246 -11.37 -20.82 17.33
C LYS B 246 -12.39 -21.86 16.84
N GLU B 247 -12.62 -21.93 15.55
CA GLU B 247 -13.58 -22.86 14.99
C GLU B 247 -13.03 -24.27 14.86
N GLY B 248 -11.78 -24.51 15.22
CA GLY B 248 -11.20 -25.82 14.93
C GLY B 248 -10.88 -26.09 13.49
N ARG B 249 -11.06 -25.13 12.59
CA ARG B 249 -10.66 -25.32 11.20
C ARG B 249 -9.14 -25.29 11.05
N LEU B 250 -8.45 -24.44 11.80
CA LEU B 250 -7.00 -24.34 11.68
C LEU B 250 -6.41 -25.04 12.89
N THR B 251 -5.72 -26.15 12.66
CA THR B 251 -5.17 -26.96 13.72
C THR B 251 -3.66 -27.03 13.65
N LYS B 252 -3.07 -26.83 12.49
CA LYS B 252 -1.63 -26.84 12.45
C LYS B 252 -1.09 -25.58 13.11
N PRO B 253 0.10 -25.65 13.69
CA PRO B 253 0.69 -24.45 14.30
C PRO B 253 0.87 -23.33 13.30
N ILE B 254 0.56 -22.12 13.76
CA ILE B 254 0.64 -20.90 12.97
C ILE B 254 1.51 -19.91 13.72
N VAL B 255 2.52 -19.39 13.03
CA VAL B 255 3.35 -18.31 13.51
C VAL B 255 2.96 -17.05 12.73
N CYS B 256 2.78 -15.92 13.41
CA CYS B 256 2.40 -14.69 12.72
C CYS B 256 3.06 -13.47 13.35
N TRP B 257 3.45 -12.53 12.50
CA TRP B 257 3.87 -11.21 12.95
C TRP B 257 3.30 -10.21 11.97
N CYS B 258 2.64 -9.15 12.47
CA CYS B 258 2.17 -8.06 11.60
C CYS B 258 3.14 -6.87 11.68
N ILE B 259 3.57 -6.35 10.51
CA ILE B 259 4.46 -5.20 10.41
C ILE B 259 3.64 -3.91 10.46
N GLY B 260 4.26 -2.84 10.87
CA GLY B 260 3.56 -1.57 10.98
C GLY B 260 3.29 -1.14 12.39
N THR B 261 3.94 -1.76 13.36
CA THR B 261 3.78 -1.34 14.73
C THR B 261 4.32 0.06 15.00
N CYS B 262 5.05 0.68 14.07
CA CYS B 262 5.57 2.01 14.36
C CYS B 262 4.46 3.06 14.22
N ALA B 263 3.43 2.76 13.42
CA ALA B 263 2.34 3.70 13.16
C ALA B 263 1.67 4.13 14.47
N THR B 264 1.62 3.23 15.45
CA THR B 264 1.02 3.53 16.74
C THR B 264 1.77 4.57 17.51
N MET B 265 3.01 4.84 17.13
CA MET B 265 3.82 5.79 17.88
C MET B 265 3.93 7.14 17.21
N PHE B 266 3.44 7.28 15.98
CA PHE B 266 3.44 8.54 15.28
C PHE B 266 2.27 9.40 15.72
N SER B 267 2.46 10.71 15.72
CA SER B 267 1.40 11.61 16.14
C SER B 267 0.36 11.82 15.05
N SER B 268 0.59 11.30 13.85
CA SER B 268 -0.40 11.42 12.78
C SER B 268 -0.36 10.18 11.92
N GLU B 269 -1.42 10.01 11.12
CA GLU B 269 -1.56 8.87 10.25
C GLU B 269 -0.48 8.90 9.17
N VAL B 270 0.06 7.72 8.86
CA VAL B 270 1.09 7.59 7.83
C VAL B 270 0.67 6.50 6.85
N GLN B 271 0.55 6.88 5.57
CA GLN B 271 0.36 5.91 4.50
C GLN B 271 1.71 5.30 4.14
N PHE B 272 1.85 4.00 4.33
CA PHE B 272 3.09 3.32 3.98
C PHE B 272 3.09 2.94 2.50
N GLY B 273 4.18 2.33 2.03
CA GLY B 273 4.39 2.02 0.63
C GLY B 273 3.33 1.18 -0.08
N NEP B 274 2.81 0.17 0.61
CA NEP B 274 1.75 -0.66 0.01
C NEP B 274 0.42 0.11 0.10
O NEP B 274 0.10 0.74 1.10
CB NEP B 274 1.68 -1.97 0.79
CG NEP B 274 2.86 -2.86 0.59
ND1 NEP B 274 3.24 -3.75 1.58
CD2 NEP B 274 3.71 -2.98 -0.48
CE1 NEP B 274 4.30 -4.41 1.12
NE2 NEP B 274 4.67 -4.02 -0.16
P NEP B 274 5.94 -4.70 -1.01
O1P NEP B 274 5.37 -5.77 -1.98
O2P NEP B 274 7.01 -5.29 -0.22
O3P NEP B 274 6.60 -3.54 -1.87
HA NEP B 274 2.03 -0.85 -1.03
HB2 NEP B 274 0.78 -2.53 0.53
HB3 NEP B 274 1.59 -1.77 1.85
HD2 NEP B 274 3.74 -2.45 -1.42
HE1 NEP B 274 4.84 -5.18 1.67
N ALA B 275 -0.37 0.00 -0.96
CA ALA B 275 -1.59 0.79 -1.10
C ALA B 275 -2.56 0.52 0.01
N GLY B 276 -2.60 -0.71 0.52
CA GLY B 276 -3.52 -1.05 1.58
C GLY B 276 -2.99 -0.81 2.97
N ALA B 277 -1.74 -0.40 3.11
CA ALA B 277 -1.05 -0.34 4.40
C ALA B 277 -1.34 1.00 5.09
N CYS B 278 -2.59 1.12 5.51
CA CYS B 278 -3.03 2.29 6.26
C CYS B 278 -4.22 1.88 7.12
N ALA B 279 -4.14 2.16 8.42
CA ALA B 279 -5.18 1.76 9.37
C ALA B 279 -6.28 2.82 9.40
N ASN B 280 -7.51 2.40 9.11
CA ASN B 280 -8.68 3.28 9.10
C ASN B 280 -9.46 3.24 10.42
N GLN B 281 -9.13 2.32 11.34
CA GLN B 281 -9.76 2.19 12.65
C GLN B 281 -8.78 1.44 13.56
N ALA B 282 -9.02 1.50 14.87
CA ALA B 282 -8.04 1.00 15.84
C ALA B 282 -7.68 -0.45 15.60
N SER B 283 -8.63 -1.27 15.18
CA SER B 283 -8.38 -2.68 15.03
C SER B 283 -7.53 -3.00 13.80
N GLU B 284 -7.34 -2.05 12.87
CA GLU B 284 -6.52 -2.32 11.69
C GLU B 284 -5.02 -2.13 11.93
N THR B 285 -4.63 -1.80 13.16
CA THR B 285 -3.24 -1.52 13.46
C THR B 285 -2.50 -2.84 13.65
N ALA B 286 -1.19 -2.78 13.40
CA ALA B 286 -0.36 -3.97 13.61
C ALA B 286 -0.39 -4.38 15.06
N VAL B 287 -0.40 -3.41 15.98
CA VAL B 287 -0.32 -3.77 17.39
C VAL B 287 -1.57 -4.51 17.82
N ALA B 288 -2.72 -4.08 17.30
CA ALA B 288 -3.96 -4.73 17.71
C ALA B 288 -4.04 -6.12 17.12
N LYS B 289 -3.68 -6.26 15.84
CA LYS B 289 -3.71 -7.57 15.21
C LYS B 289 -2.78 -8.54 15.94
N ASN B 290 -1.54 -8.11 16.24
CA ASN B 290 -0.59 -9.01 16.89
C ASN B 290 -1.11 -9.48 18.24
N GLN B 291 -1.72 -8.57 19.01
CA GLN B 291 -2.26 -8.97 20.31
C GLN B 291 -3.44 -9.93 20.17
N ALA B 292 -4.29 -9.75 19.14
CA ALA B 292 -5.42 -10.66 18.99
C ALA B 292 -4.95 -12.03 18.50
N LEU B 293 -4.00 -12.05 17.59
CA LEU B 293 -3.44 -13.32 17.16
C LEU B 293 -2.87 -14.08 18.35
N LYS B 294 -2.13 -13.39 19.21
CA LYS B 294 -1.54 -14.05 20.36
C LYS B 294 -2.61 -14.66 21.27
N GLU B 295 -3.72 -13.96 21.49
CA GLU B 295 -4.74 -14.46 22.41
C GLU B 295 -5.50 -15.63 21.83
N ALA B 296 -5.56 -15.75 20.51
CA ALA B 296 -6.26 -16.83 19.82
C ALA B 296 -5.45 -18.10 19.73
N GLY B 297 -4.16 -18.06 20.07
CA GLY B 297 -3.31 -19.23 20.02
C GLY B 297 -2.29 -19.24 18.89
N VAL B 298 -2.10 -18.13 18.23
CA VAL B 298 -1.04 -18.03 17.24
C VAL B 298 0.26 -17.76 17.99
N PHE B 299 1.35 -18.27 17.45
CA PHE B 299 2.68 -18.02 18.00
C PHE B 299 3.18 -16.68 17.47
N VAL B 300 3.23 -15.69 18.34
CA VAL B 300 3.58 -14.32 17.97
C VAL B 300 4.89 -13.96 18.64
N PRO B 301 5.93 -13.58 17.89
CA PRO B 301 7.15 -13.06 18.55
C PRO B 301 6.96 -11.64 19.10
N ARG B 302 7.88 -11.20 19.97
CA ARG B 302 7.85 -9.83 20.48
C ARG B 302 8.04 -8.81 19.36
N SER B 303 8.86 -9.14 18.37
CA SER B 303 9.07 -8.22 17.26
C SER B 303 9.61 -9.02 16.10
N PHE B 304 9.75 -8.35 14.95
CA PHE B 304 10.25 -9.06 13.78
C PHE B 304 11.58 -9.71 14.07
N ASP B 305 12.37 -9.14 14.99
CA ASP B 305 13.70 -9.63 15.38
C ASP B 305 13.65 -11.02 16.01
N GLU B 306 12.54 -11.40 16.61
CA GLU B 306 12.46 -12.72 17.22
C GLU B 306 11.68 -13.71 16.36
N LEU B 307 11.37 -13.36 15.13
CA LEU B 307 10.55 -14.23 14.30
C LEU B 307 11.26 -15.56 14.00
N GLY B 308 12.52 -15.49 13.61
CA GLY B 308 13.25 -16.71 13.31
C GLY B 308 13.33 -17.63 14.51
N GLU B 309 13.49 -17.06 15.69
CA GLU B 309 13.60 -17.85 16.89
C GLU B 309 12.31 -18.58 17.21
N ILE B 310 11.17 -17.94 17.01
CA ILE B 310 9.95 -18.67 17.34
C ILE B 310 9.63 -19.72 16.29
N ILE B 311 9.95 -19.44 15.02
CA ILE B 311 9.73 -20.43 13.98
C ILE B 311 10.54 -21.70 14.27
N GLN B 312 11.82 -21.51 14.62
CA GLN B 312 12.66 -22.66 14.94
C GLN B 312 12.13 -23.46 16.12
N SER B 313 11.58 -22.75 17.13
CA SER B 313 11.05 -23.43 18.32
C SER B 313 9.83 -24.25 17.97
N VAL B 314 8.92 -23.69 17.18
CA VAL B 314 7.75 -24.46 16.77
C VAL B 314 8.18 -25.65 15.92
N TYR B 315 9.14 -25.43 15.03
CA TYR B 315 9.61 -26.52 14.16
C TYR B 315 10.18 -27.69 14.98
N GLU B 316 11.01 -27.39 15.96
CA GLU B 316 11.64 -28.42 16.77
C GLU B 316 10.63 -29.21 17.60
N ASP B 317 9.62 -28.55 18.18
CA ASP B 317 8.59 -29.30 18.89
C ASP B 317 7.85 -30.26 17.98
N LEU B 318 7.65 -29.87 16.72
CA LEU B 318 6.94 -30.74 15.79
C LEU B 318 7.77 -31.94 15.39
N VAL B 319 9.08 -31.78 15.29
CA VAL B 319 9.95 -32.95 15.10
C VAL B 319 9.88 -33.85 16.33
N ALA B 320 9.99 -33.25 17.54
CA ALA B 320 10.02 -34.04 18.78
C ALA B 320 8.82 -34.95 18.90
N ASN B 321 7.66 -34.52 18.44
CA ASN B 321 6.47 -35.36 18.58
C ASN B 321 6.14 -36.10 17.30
N GLY B 322 7.05 -36.18 16.35
CA GLY B 322 6.80 -37.07 15.23
C GLY B 322 5.93 -36.53 14.12
N VAL B 323 5.55 -35.25 14.18
CA VAL B 323 4.70 -34.67 13.14
C VAL B 323 5.49 -34.41 11.86
N ILE B 324 6.73 -33.97 11.99
CA ILE B 324 7.66 -33.78 10.89
C ILE B 324 8.68 -34.94 10.84
O1 TLA C . 13.36 -6.68 -5.93
O11 TLA C . 11.92 -7.49 -4.42
C1 TLA C . 12.39 -6.56 -5.22
C2 TLA C . 11.68 -5.22 -5.06
O2 TLA C . 12.16 -4.23 -5.94
C3 TLA C . 11.90 -4.77 -3.61
O3 TLA C . 11.30 -5.66 -2.70
C4 TLA C . 13.39 -4.67 -3.32
O4 TLA C . 14.21 -4.12 -4.05
O41 TLA C . 13.69 -5.37 -2.28
H11 TLA C . 12.40 -8.35 -4.54
H2 TLA C . 10.62 -5.32 -5.29
HA TLA C . 12.26 -4.62 -6.85
H3 TLA C . 11.42 -3.82 -3.42
HB TLA C . 11.46 -5.35 -1.77
H41 TLA C . 14.66 -5.32 -2.07
PB ADP D . -18.03 18.89 11.98
O1B ADP D . -18.89 17.74 11.49
O2B ADP D . -16.50 18.66 11.68
O3B ADP D . -18.30 19.23 13.42
PA ADP D . -19.70 20.70 10.40
O1A ADP D . -19.24 21.20 9.11
O2A ADP D . -20.78 19.55 10.24
O3A ADP D . -18.40 20.21 11.16
O5' ADP D . -20.39 21.75 11.47
C5' ADP D . -20.94 21.49 12.80
C4' ADP D . -22.41 21.83 12.81
O4' ADP D . -22.63 23.24 12.52
C3' ADP D . -23.22 21.10 11.74
O3' ADP D . -23.47 19.76 12.14
C2' ADP D . -24.47 21.98 11.67
O2' ADP D . -25.30 21.68 12.78
C1' ADP D . -23.87 23.38 11.81
N9 ADP D . -23.59 24.01 10.53
C8 ADP D . -22.46 23.82 9.78
N7 ADP D . -22.45 24.47 8.64
C5 ADP D . -23.66 25.15 8.64
C6 ADP D . -24.24 26.03 7.71
N6 ADP D . -23.66 26.40 6.56
N1 ADP D . -25.46 26.54 8.00
C2 ADP D . -26.03 26.20 9.18
N3 ADP D . -25.56 25.40 10.15
C4 ADP D . -24.37 24.89 9.80
HOB2 ADP D . -16.11 17.76 11.80
HOB3 ADP D . -18.20 18.69 14.25
HOA2 ADP D . -20.82 18.83 9.56
H5'1 ADP D . -20.37 22.04 13.56
H5'2 ADP D . -20.73 20.44 12.93
H4' ADP D . -22.83 21.70 13.80
H3' ADP D . -22.67 21.07 10.80
HO3' ADP D . -24.37 19.52 11.82
H2' ADP D . -25.00 21.83 10.73
HO2' ADP D . -26.19 21.45 12.40
H1' ADP D . -24.50 24.06 12.39
H8 ADP D . -21.64 23.18 10.11
HN61 ADP D . -22.74 26.04 6.31
HN62 ADP D . -24.13 27.04 5.94
H2 ADP D . -27.01 26.65 9.35
MG MG E . -20.19 17.34 10.16
P PO4 F . 8.33 -5.06 -1.27
O1 PO4 F . 7.63 -4.85 0.06
O2 PO4 F . 8.38 -3.73 -2.03
O3 PO4 F . 7.61 -6.05 -2.15
O4 PO4 F . 9.71 -5.55 -0.98
O5' ADN G . -4.16 34.12 -9.36
C5' ADN G . -4.39 32.96 -8.56
C4' ADN G . -3.64 33.00 -7.24
O4' ADN G . -4.04 34.20 -6.51
C3' ADN G . -3.90 31.79 -6.32
O3' ADN G . -2.67 31.23 -5.88
C2' ADN G . -4.67 32.38 -5.12
O2' ADN G . -4.32 31.79 -3.89
C1' ADN G . -4.31 33.87 -5.16
N9 ADN G . -5.41 34.74 -4.71
C8 ADN G . -6.67 34.80 -5.27
N7 ADN G . -7.54 35.49 -4.58
C5 ADN G . -6.81 35.93 -3.48
C6 ADN G . -7.18 36.67 -2.34
N6 ADN G . -8.44 36.97 -2.04
N1 ADN G . -6.21 36.97 -1.45
C2 ADN G . -4.96 36.52 -1.68
N3 ADN G . -4.51 35.78 -2.69
C4 ADN G . -5.49 35.51 -3.57
HO5' ADN G . -4.26 33.84 -10.31
H5'1 ADN G . -4.01 32.13 -9.15
H5'2 ADN G . -5.45 32.76 -8.43
H4' ADN G . -2.59 33.14 -7.46
H3' ADN G . -4.40 30.95 -6.78
HO3' ADN G . -2.53 30.35 -6.32
H2' ADN G . -5.74 32.27 -5.26
HO2' ADN G . -4.82 30.94 -3.83
H1' ADN G . -3.43 34.13 -4.58
H8 ADN G . -6.93 34.32 -6.21
HN61 ADN G . -9.21 36.67 -2.63
HN62 ADN G . -8.66 37.51 -1.21
H2 ADN G . -4.23 36.82 -0.93
C1 GOL H . -7.79 32.37 -1.78
O1 GOL H . -7.16 32.12 -3.02
C2 GOL H . -6.88 33.23 -0.91
O2 GOL H . -7.56 33.72 0.22
C3 GOL H . -5.68 32.41 -0.47
O3 GOL H . -4.82 33.21 0.33
H11 GOL H . -8.00 31.42 -1.27
H12 GOL H . -8.74 32.88 -1.95
HO1 GOL H . -7.71 31.51 -3.56
H2 GOL H . -6.53 34.06 -1.51
HO2 GOL H . -7.84 32.97 0.78
H31 GOL H . -5.14 32.04 -1.34
H32 GOL H . -6.01 31.55 0.11
HO3 GOL H . -4.90 32.95 1.27
C1 PGE I . -21.37 -3.35 7.38
O1 PGE I . -20.13 -2.62 7.33
C2 PGE I . -21.76 -3.82 8.75
O2 PGE I . -23.00 -3.24 9.24
C3 PGE I . -22.93 -3.14 10.64
C4 PGE I . -24.28 -2.79 11.23
O4 PGE I . -25.97 0.96 10.90
C6 PGE I . -24.58 0.85 11.13
C5 PGE I . -24.34 -0.50 11.78
O3 PGE I . -24.70 -1.49 10.85
H1 PGE I . -22.20 -2.74 6.99
H12 PGE I . -21.30 -4.24 6.73
HO1 PGE I . -20.05 -2.22 6.45
H2 PGE I . -20.94 -3.57 9.44
H22 PGE I . -21.84 -4.92 8.73
H3 PGE I . -22.21 -2.36 10.94
H32 PGE I . -22.60 -4.09 11.09
H4 PGE I . -24.21 -2.86 12.33
H42 PGE I . -25.00 -3.55 10.91
HO4 PGE I . -26.16 1.85 10.59
H6 PGE I . -24.20 1.63 11.81
H62 PGE I . -24.00 0.90 10.20
H5 PGE I . -23.28 -0.59 12.07
H52 PGE I . -24.95 -0.58 12.69
C TRS J . 11.65 -32.77 -6.70
C1 TRS J . 10.90 -34.03 -6.24
C2 TRS J . 12.83 -32.39 -5.79
C3 TRS J . 10.66 -31.61 -6.73
N TRS J . 12.17 -33.08 -8.03
O1 TRS J . 11.85 -35.07 -6.24
O2 TRS J . 13.62 -31.30 -6.30
O3 TRS J . 10.23 -31.38 -5.39
H11 TRS J . 10.49 -33.88 -5.24
H12 TRS J . 10.09 -34.25 -6.93
H21 TRS J . 12.44 -32.13 -4.80
H22 TRS J . 13.47 -33.26 -5.66
H31 TRS J . 9.81 -31.86 -7.35
H32 TRS J . 11.14 -30.71 -7.13
HN1 TRS J . 11.46 -33.34 -8.71
HN2 TRS J . 12.83 -32.38 -8.39
HN3 TRS J . 12.72 -33.92 -7.91
HO1 TRS J . 11.42 -35.90 -5.95
HO2 TRS J . 14.35 -31.10 -5.68
HO3 TRS J . 9.59 -30.64 -5.38
C1 GOL K . 16.03 -11.63 11.37
O1 GOL K . 15.99 -11.14 12.71
C2 GOL K . 15.41 -13.01 11.35
O2 GOL K . 16.14 -13.91 12.16
C3 GOL K . 13.97 -12.89 11.85
O3 GOL K . 13.97 -12.68 13.23
H11 GOL K . 17.06 -11.68 11.03
H12 GOL K . 15.48 -10.95 10.71
HO1 GOL K . 16.44 -10.28 12.75
H2 GOL K . 15.39 -13.36 10.32
HO2 GOL K . 16.14 -13.60 13.09
H31 GOL K . 13.42 -13.80 11.62
H32 GOL K . 13.46 -12.06 11.35
HO3 GOL K . 14.79 -12.21 13.48
C1 PGE L . -20.12 0.58 -11.84
O1 PGE L . -20.60 -0.77 -11.74
C2 PGE L . -18.74 0.74 -11.20
O2 PGE L . -17.88 1.46 -12.07
C3 PGE L . -16.63 1.86 -11.56
C4 PGE L . -15.68 0.70 -11.71
O4 PGE L . -16.15 -1.04 -15.84
C6 PGE L . -15.14 -0.54 -14.95
C5 PGE L . -15.67 0.62 -14.14
O3 PGE L . -14.93 0.70 -12.92
H1 PGE L . -20.80 1.30 -11.35
H12 PGE L . -20.03 0.88 -12.90
HO1 PGE L . -21.50 -0.78 -12.08
H2 PGE L . -18.86 1.27 -10.24
H22 PGE L . -18.34 -0.26 -10.97
H3 PGE L . -16.71 2.14 -10.50
H32 PGE L . -16.25 2.73 -12.12
H4 PGE L . -14.98 0.71 -10.86
H42 PGE L . -16.26 -0.24 -11.63
HO4 PGE L . -15.73 -1.69 -16.41
H6 PGE L . -14.25 -0.18 -15.52
H62 PGE L . -14.80 -1.31 -14.26
H5 PGE L . -15.56 1.56 -14.74
H52 PGE L . -16.74 0.47 -13.95
#